data_2LTU
#
_entry.id   2LTU
#
_entity_poly.entity_id   1
_entity_poly.type   'polypeptide(L)'
_entity_poly.pdbx_seq_one_letter_code
;GPHMSYDANVIDDEAVKEVCEKFECTESEVMNSLYSGDPQDQLAVAYHLIIDNRRIMNQASE
;
_entity_poly.pdbx_strand_id   A
#
# COMPACT_ATOMS: atom_id res chain seq x y z
N GLY A 1 -19.20 21.60 -7.41
CA GLY A 1 -19.09 20.15 -7.68
C GLY A 1 -19.05 19.31 -6.40
N PRO A 2 -19.16 17.96 -6.53
CA PRO A 2 -19.13 17.03 -5.40
C PRO A 2 -17.72 16.85 -4.83
N HIS A 3 -17.61 16.30 -3.62
CA HIS A 3 -16.35 15.98 -2.96
C HIS A 3 -15.70 14.68 -3.49
N MET A 4 -14.36 14.59 -3.48
CA MET A 4 -13.60 13.41 -3.91
C MET A 4 -13.71 12.24 -2.91
N SER A 5 -13.70 11.01 -3.42
CA SER A 5 -13.93 9.78 -2.66
C SER A 5 -12.68 9.22 -1.94
N TYR A 6 -11.48 9.69 -2.30
CA TYR A 6 -10.19 9.26 -1.73
C TYR A 6 -9.27 10.45 -1.36
N ASP A 7 -8.35 10.20 -0.43
CA ASP A 7 -7.40 11.17 0.12
C ASP A 7 -6.29 10.44 0.93
N ALA A 8 -5.13 11.08 1.15
CA ALA A 8 -4.05 10.55 1.98
C ALA A 8 -4.51 10.16 3.41
N ASN A 9 -5.60 10.74 3.92
CA ASN A 9 -6.26 10.34 5.17
C ASN A 9 -6.74 8.87 5.18
N VAL A 10 -6.98 8.26 4.01
CA VAL A 10 -7.42 6.84 3.85
C VAL A 10 -6.37 5.97 3.14
N ILE A 11 -5.09 6.27 3.36
CA ILE A 11 -3.92 5.47 2.96
C ILE A 11 -3.01 5.22 4.17
N ASP A 12 -2.27 4.11 4.15
CA ASP A 12 -1.23 3.80 5.14
C ASP A 12 0.12 4.31 4.64
N ASP A 13 0.56 5.46 5.14
CA ASP A 13 1.81 6.12 4.74
C ASP A 13 3.05 5.27 5.09
N GLU A 14 2.97 4.48 6.17
CA GLU A 14 3.98 3.48 6.54
C GLU A 14 4.03 2.34 5.51
N ALA A 15 2.87 1.85 5.05
CA ALA A 15 2.80 0.87 3.98
C ALA A 15 3.35 1.43 2.66
N VAL A 16 2.94 2.64 2.27
CA VAL A 16 3.48 3.32 1.09
C VAL A 16 5.01 3.42 1.16
N LYS A 17 5.57 3.85 2.30
CA LYS A 17 7.02 3.89 2.53
C LYS A 17 7.69 2.51 2.42
N GLU A 18 7.09 1.46 3.01
CA GLU A 18 7.57 0.09 2.87
C GLU A 18 7.50 -0.41 1.41
N VAL A 19 6.43 -0.13 0.66
CA VAL A 19 6.37 -0.42 -0.79
C VAL A 19 7.54 0.25 -1.53
N CYS A 20 7.85 1.51 -1.23
CA CYS A 20 8.92 2.24 -1.91
C CYS A 20 10.29 1.54 -1.80
N GLU A 21 10.65 1.01 -0.63
CA GLU A 21 11.92 0.30 -0.43
C GLU A 21 11.88 -1.19 -0.86
N LYS A 22 10.75 -1.89 -0.67
CA LYS A 22 10.64 -3.33 -0.96
C LYS A 22 10.44 -3.61 -2.46
N PHE A 23 9.59 -2.81 -3.13
CA PHE A 23 9.31 -2.85 -4.57
C PHE A 23 10.35 -2.06 -5.40
N GLU A 24 11.05 -1.10 -4.78
CA GLU A 24 12.06 -0.21 -5.37
C GLU A 24 11.43 0.81 -6.33
N CYS A 25 10.72 1.79 -5.75
CA CYS A 25 9.89 2.79 -6.45
C CYS A 25 9.67 4.06 -5.58
N THR A 26 8.94 5.04 -6.11
CA THR A 26 8.60 6.32 -5.46
C THR A 26 7.17 6.33 -4.92
N GLU A 27 6.91 7.16 -3.90
CA GLU A 27 5.59 7.25 -3.25
C GLU A 27 4.50 7.58 -4.27
N SER A 28 4.77 8.51 -5.19
CA SER A 28 3.83 8.92 -6.24
C SER A 28 3.40 7.76 -7.15
N GLU A 29 4.29 6.80 -7.42
CA GLU A 29 3.96 5.59 -8.20
C GLU A 29 3.06 4.65 -7.39
N VAL A 30 3.36 4.45 -6.10
CA VAL A 30 2.54 3.63 -5.20
C VAL A 30 1.14 4.21 -5.06
N MET A 31 1.03 5.52 -4.79
CA MET A 31 -0.24 6.22 -4.66
C MET A 31 -1.03 6.24 -5.97
N ASN A 32 -0.38 6.39 -7.13
CA ASN A 32 -1.06 6.41 -8.42
C ASN A 32 -1.97 5.17 -8.63
N SER A 33 -1.45 3.95 -8.50
CA SER A 33 -2.26 2.73 -8.71
C SER A 33 -3.35 2.52 -7.65
N LEU A 34 -3.25 3.20 -6.50
CA LEU A 34 -4.25 3.16 -5.43
C LEU A 34 -5.31 4.27 -5.59
N TYR A 35 -5.01 5.35 -6.32
CA TYR A 35 -5.85 6.56 -6.41
C TYR A 35 -6.49 6.76 -7.79
N SER A 36 -5.75 6.47 -8.86
CA SER A 36 -6.13 6.73 -10.27
C SER A 36 -5.98 5.52 -11.21
N GLY A 37 -5.20 4.49 -10.83
CA GLY A 37 -5.10 3.21 -11.55
C GLY A 37 -6.17 2.23 -11.06
N ASP A 38 -5.73 1.01 -10.74
CA ASP A 38 -6.60 -0.08 -10.26
C ASP A 38 -5.85 -0.98 -9.24
N PRO A 39 -6.52 -1.47 -8.17
CA PRO A 39 -5.91 -2.34 -7.15
C PRO A 39 -5.19 -3.61 -7.64
N GLN A 40 -5.42 -4.04 -8.88
CA GLN A 40 -4.83 -5.25 -9.48
C GLN A 40 -3.44 -4.97 -10.11
N ASP A 41 -3.03 -3.70 -10.22
CA ASP A 41 -1.69 -3.32 -10.66
C ASP A 41 -0.62 -3.68 -9.62
N GLN A 42 0.59 -4.01 -10.08
CA GLN A 42 1.69 -4.54 -9.25
C GLN A 42 2.05 -3.61 -8.08
N LEU A 43 1.97 -2.28 -8.22
CA LEU A 43 2.25 -1.32 -7.14
C LEU A 43 1.17 -1.34 -6.05
N ALA A 44 -0.09 -1.55 -6.43
CA ALA A 44 -1.21 -1.71 -5.50
C ALA A 44 -1.26 -3.12 -4.88
N VAL A 45 -0.91 -4.15 -5.65
CA VAL A 45 -0.71 -5.53 -5.17
C VAL A 45 0.42 -5.56 -4.14
N ALA A 46 1.54 -4.87 -4.38
CA ALA A 46 2.62 -4.69 -3.39
C ALA A 46 2.11 -4.04 -2.11
N TYR A 47 1.36 -2.94 -2.19
CA TYR A 47 0.73 -2.28 -1.04
C TYR A 47 -0.18 -3.23 -0.24
N HIS A 48 -1.03 -4.02 -0.91
CA HIS A 48 -1.88 -5.03 -0.26
C HIS A 48 -1.05 -6.12 0.46
N LEU A 49 -0.07 -6.72 -0.23
CA LEU A 49 0.81 -7.78 0.31
C LEU A 49 1.70 -7.26 1.44
N ILE A 50 2.14 -6.01 1.38
CA ILE A 50 2.95 -5.36 2.44
C ILE A 50 2.10 -5.01 3.66
N ILE A 51 0.82 -4.67 3.50
CA ILE A 51 -0.13 -4.52 4.62
C ILE A 51 -0.43 -5.88 5.26
N ASP A 52 -0.52 -6.98 4.51
CA ASP A 52 -0.59 -8.33 5.08
C ASP A 52 0.69 -8.70 5.84
N ASN A 53 1.86 -8.40 5.28
CA ASN A 53 3.16 -8.61 5.93
C ASN A 53 3.23 -7.84 7.27
N ARG A 54 3.01 -6.52 7.21
CA ARG A 54 3.04 -5.55 8.34
C ARG A 54 2.11 -5.94 9.50
N ARG A 55 0.95 -6.54 9.20
CA ARG A 55 0.00 -7.05 10.21
C ARG A 55 0.37 -8.46 10.71
N ILE A 56 0.49 -9.43 9.79
CA ILE A 56 0.62 -10.86 10.13
C ILE A 56 2.07 -11.30 10.27
N MET A 57 2.87 -11.18 9.21
CA MET A 57 4.23 -11.76 9.16
C MET A 57 5.18 -11.08 10.15
N ASN A 58 4.93 -9.80 10.43
CA ASN A 58 5.57 -9.00 11.49
C ASN A 58 5.39 -9.60 12.90
N GLN A 59 4.31 -10.35 13.16
CA GLN A 59 4.00 -10.98 14.45
C GLN A 59 4.21 -12.51 14.43
N ALA A 60 4.00 -13.17 13.28
CA ALA A 60 4.09 -14.63 13.14
C ALA A 60 5.52 -15.20 13.25
N SER A 61 6.56 -14.38 13.03
CA SER A 61 7.98 -14.78 13.08
C SER A 61 8.93 -13.57 13.29
N GLU A 62 10.21 -13.84 13.60
CA GLU A 62 11.27 -12.85 13.89
C GLU A 62 12.68 -13.40 13.56
N GLY A 1 -13.27 13.55 1.27
CA GLY A 1 -11.86 13.48 1.73
C GLY A 1 -11.20 14.87 1.82
N PRO A 2 -10.19 15.05 2.68
CA PRO A 2 -9.52 16.33 2.90
C PRO A 2 -8.58 16.69 1.74
N HIS A 3 -8.38 18.00 1.52
CA HIS A 3 -7.57 18.52 0.41
C HIS A 3 -6.04 18.28 0.61
N MET A 4 -5.61 18.07 1.87
CA MET A 4 -4.20 17.91 2.26
C MET A 4 -3.55 16.64 1.70
N SER A 5 -4.32 15.55 1.58
CA SER A 5 -3.96 14.23 1.01
C SER A 5 -5.14 13.25 1.12
N TYR A 6 -5.51 12.60 0.01
CA TYR A 6 -6.61 11.62 -0.08
C TYR A 6 -6.51 10.77 -1.37
N ASP A 7 -7.17 9.61 -1.40
CA ASP A 7 -7.15 8.63 -2.50
C ASP A 7 -8.34 7.65 -2.39
N ALA A 8 -8.75 7.06 -3.52
CA ALA A 8 -9.95 6.23 -3.62
C ALA A 8 -9.90 4.97 -2.72
N ASN A 9 -8.73 4.34 -2.61
CA ASN A 9 -8.50 3.19 -1.73
C ASN A 9 -8.45 3.61 -0.24
N VAL A 10 -7.80 4.74 0.04
CA VAL A 10 -7.46 5.33 1.34
C VAL A 10 -6.24 4.60 1.90
N ILE A 11 -5.06 5.11 1.53
CA ILE A 11 -3.73 4.49 1.75
C ILE A 11 -3.16 4.70 3.18
N ASP A 12 -2.03 4.04 3.47
CA ASP A 12 -1.23 4.25 4.68
C ASP A 12 0.19 4.72 4.30
N ASP A 13 0.61 5.86 4.85
CA ASP A 13 1.95 6.42 4.63
C ASP A 13 3.08 5.46 5.04
N GLU A 14 2.86 4.62 6.05
CA GLU A 14 3.83 3.62 6.51
C GLU A 14 3.94 2.44 5.53
N ALA A 15 2.80 1.95 5.02
CA ALA A 15 2.81 0.96 3.95
C ALA A 15 3.51 1.51 2.70
N VAL A 16 3.18 2.73 2.26
CA VAL A 16 3.85 3.37 1.12
C VAL A 16 5.36 3.53 1.36
N LYS A 17 5.79 3.85 2.60
CA LYS A 17 7.21 3.92 2.97
C LYS A 17 7.91 2.55 2.77
N GLU A 18 7.28 1.48 3.23
CA GLU A 18 7.77 0.10 3.04
C GLU A 18 7.75 -0.31 1.55
N VAL A 19 6.64 -0.07 0.82
CA VAL A 19 6.51 -0.44 -0.60
C VAL A 19 7.58 0.23 -1.47
N CYS A 20 7.88 1.51 -1.23
CA CYS A 20 8.92 2.27 -1.93
C CYS A 20 10.29 1.55 -1.86
N GLU A 21 10.66 1.06 -0.67
CA GLU A 21 11.93 0.37 -0.41
C GLU A 21 11.90 -1.09 -0.91
N LYS A 22 10.90 -1.87 -0.49
CA LYS A 22 10.76 -3.31 -0.83
C LYS A 22 10.70 -3.56 -2.34
N PHE A 23 9.86 -2.78 -3.04
CA PHE A 23 9.52 -2.98 -4.45
C PHE A 23 10.39 -2.15 -5.42
N GLU A 24 11.25 -1.27 -4.91
CA GLU A 24 12.24 -0.47 -5.66
C GLU A 24 11.58 0.55 -6.63
N CYS A 25 10.39 1.02 -6.27
CA CYS A 25 9.56 1.98 -7.01
C CYS A 25 9.64 3.40 -6.40
N THR A 26 8.57 4.21 -6.54
CA THR A 26 8.43 5.55 -5.92
C THR A 26 7.06 5.71 -5.28
N GLU A 27 7.02 6.50 -4.20
CA GLU A 27 5.81 6.70 -3.38
C GLU A 27 4.64 7.21 -4.24
N SER A 28 4.90 8.19 -5.10
CA SER A 28 3.87 8.78 -5.97
C SER A 28 3.29 7.76 -6.97
N GLU A 29 4.09 6.81 -7.46
CA GLU A 29 3.60 5.76 -8.36
C GLU A 29 2.79 4.70 -7.60
N VAL A 30 3.18 4.35 -6.37
CA VAL A 30 2.39 3.47 -5.49
C VAL A 30 1.03 4.11 -5.17
N MET A 31 1.01 5.42 -4.88
CA MET A 31 -0.24 6.17 -4.66
C MET A 31 -1.11 6.26 -5.91
N ASN A 32 -0.55 6.45 -7.11
CA ASN A 32 -1.33 6.64 -8.35
C ASN A 32 -2.36 5.51 -8.61
N SER A 33 -1.94 4.24 -8.59
CA SER A 33 -2.85 3.10 -8.85
C SER A 33 -3.96 2.96 -7.80
N LEU A 34 -3.73 3.50 -6.59
CA LEU A 34 -4.66 3.49 -5.47
C LEU A 34 -5.52 4.78 -5.41
N TYR A 35 -5.10 5.83 -6.13
CA TYR A 35 -5.88 7.04 -6.38
C TYR A 35 -6.90 6.80 -7.51
N SER A 36 -6.50 6.08 -8.56
CA SER A 36 -7.44 5.58 -9.58
C SER A 36 -8.29 4.41 -9.04
N GLY A 37 -7.71 3.59 -8.14
CA GLY A 37 -8.42 2.57 -7.36
C GLY A 37 -8.43 1.17 -7.99
N ASP A 38 -7.38 0.81 -8.74
CA ASP A 38 -7.22 -0.50 -9.36
C ASP A 38 -6.34 -1.43 -8.50
N PRO A 39 -6.90 -2.49 -7.88
CA PRO A 39 -6.14 -3.41 -7.03
C PRO A 39 -5.29 -4.42 -7.82
N GLN A 40 -5.41 -4.48 -9.16
CA GLN A 40 -4.77 -5.50 -9.99
C GLN A 40 -3.34 -5.10 -10.42
N ASP A 41 -2.98 -3.82 -10.27
CA ASP A 41 -1.66 -3.26 -10.60
C ASP A 41 -0.57 -3.77 -9.64
N GLN A 42 0.65 -3.97 -10.16
CA GLN A 42 1.78 -4.51 -9.39
C GLN A 42 2.10 -3.69 -8.14
N LEU A 43 1.96 -2.35 -8.17
CA LEU A 43 2.21 -1.51 -6.99
C LEU A 43 1.06 -1.54 -5.97
N ALA A 44 -0.19 -1.72 -6.43
CA ALA A 44 -1.33 -1.99 -5.56
C ALA A 44 -1.25 -3.39 -4.93
N VAL A 45 -0.81 -4.39 -5.69
CA VAL A 45 -0.50 -5.75 -5.22
C VAL A 45 0.64 -5.72 -4.19
N ALA A 46 1.74 -4.99 -4.45
CA ALA A 46 2.82 -4.75 -3.49
C ALA A 46 2.30 -4.14 -2.18
N TYR A 47 1.53 -3.05 -2.26
CA TYR A 47 0.83 -2.43 -1.13
C TYR A 47 -0.03 -3.43 -0.32
N HIS A 48 -0.85 -4.25 -0.98
CA HIS A 48 -1.65 -5.27 -0.30
C HIS A 48 -0.77 -6.31 0.43
N LEU A 49 0.20 -6.91 -0.26
CA LEU A 49 1.11 -7.93 0.29
C LEU A 49 1.97 -7.38 1.44
N ILE A 50 2.40 -6.12 1.35
CA ILE A 50 3.21 -5.46 2.39
C ILE A 50 2.35 -5.09 3.60
N ILE A 51 1.06 -4.75 3.43
CA ILE A 51 0.12 -4.62 4.56
C ILE A 51 -0.16 -5.98 5.21
N ASP A 52 -0.30 -7.06 4.44
CA ASP A 52 -0.43 -8.42 4.98
C ASP A 52 0.81 -8.80 5.83
N ASN A 53 2.02 -8.50 5.36
CA ASN A 53 3.25 -8.67 6.14
C ASN A 53 3.24 -7.80 7.41
N ARG A 54 2.94 -6.50 7.28
CA ARG A 54 2.89 -5.52 8.39
C ARG A 54 1.90 -5.91 9.50
N ARG A 55 0.73 -6.46 9.13
CA ARG A 55 -0.33 -6.88 10.05
C ARG A 55 -0.15 -8.32 10.59
N ILE A 56 -0.01 -9.32 9.70
CA ILE A 56 -0.05 -10.75 10.04
C ILE A 56 1.34 -11.27 10.48
N MET A 57 2.38 -10.87 9.75
CA MET A 57 3.79 -11.31 9.95
C MET A 57 4.61 -10.24 10.68
N ASN A 58 3.96 -9.48 11.58
CA ASN A 58 4.51 -8.29 12.23
C ASN A 58 5.87 -8.56 12.93
N GLN A 59 6.85 -7.68 12.69
CA GLN A 59 8.19 -7.73 13.26
C GLN A 59 8.72 -6.32 13.55
N ALA A 60 9.55 -6.17 14.59
CA ALA A 60 10.13 -4.91 15.05
C ALA A 60 11.51 -5.11 15.72
N SER A 61 12.22 -4.01 15.99
CA SER A 61 13.57 -4.01 16.58
C SER A 61 13.60 -4.26 18.10
N GLU A 62 12.43 -4.24 18.78
CA GLU A 62 12.27 -4.42 20.24
C GLU A 62 12.51 -5.87 20.72
N GLY A 1 -7.57 21.11 8.47
CA GLY A 1 -6.47 21.10 7.48
C GLY A 1 -6.02 19.69 7.08
N PRO A 2 -4.80 19.55 6.52
CA PRO A 2 -4.25 18.29 5.98
C PRO A 2 -4.20 17.09 6.95
N HIS A 3 -4.22 17.33 8.27
CA HIS A 3 -4.32 16.29 9.30
C HIS A 3 -5.62 15.45 9.26
N MET A 4 -6.67 15.92 8.56
CA MET A 4 -7.95 15.20 8.38
C MET A 4 -7.83 14.09 7.33
N SER A 5 -8.51 12.96 7.57
CA SER A 5 -8.54 11.82 6.64
C SER A 5 -9.37 12.09 5.37
N TYR A 6 -8.94 11.57 4.22
CA TYR A 6 -9.68 11.65 2.95
C TYR A 6 -11.00 10.86 2.97
N ASP A 7 -10.99 9.68 3.58
CA ASP A 7 -12.08 8.70 3.67
C ASP A 7 -11.69 7.58 4.65
N ALA A 8 -12.66 6.80 5.15
CA ALA A 8 -12.40 5.61 5.98
C ALA A 8 -11.44 4.60 5.32
N ASN A 9 -11.36 4.58 3.98
CA ASN A 9 -10.45 3.76 3.19
C ASN A 9 -9.10 4.44 2.84
N VAL A 10 -8.76 5.59 3.45
CA VAL A 10 -7.52 6.34 3.19
C VAL A 10 -6.25 5.47 3.31
N ILE A 11 -5.29 5.70 2.40
CA ILE A 11 -4.04 4.93 2.31
C ILE A 11 -3.08 5.20 3.48
N ASP A 12 -2.27 4.19 3.86
CA ASP A 12 -1.26 4.34 4.93
C ASP A 12 0.12 4.73 4.35
N ASP A 13 0.61 5.90 4.75
CA ASP A 13 1.94 6.40 4.41
C ASP A 13 3.07 5.45 4.82
N GLU A 14 2.90 4.69 5.92
CA GLU A 14 3.91 3.73 6.40
C GLU A 14 4.00 2.53 5.46
N ALA A 15 2.86 1.95 5.06
CA ALA A 15 2.84 0.86 4.09
C ALA A 15 3.30 1.35 2.70
N VAL A 16 2.84 2.51 2.24
CA VAL A 16 3.31 3.14 0.99
C VAL A 16 4.85 3.30 0.99
N LYS A 17 5.44 3.85 2.06
CA LYS A 17 6.90 3.92 2.25
C LYS A 17 7.56 2.53 2.26
N GLU A 18 6.96 1.52 2.90
CA GLU A 18 7.47 0.14 2.85
C GLU A 18 7.39 -0.46 1.44
N VAL A 19 6.34 -0.19 0.65
CA VAL A 19 6.31 -0.55 -0.79
C VAL A 19 7.45 0.12 -1.55
N CYS A 20 7.70 1.41 -1.28
CA CYS A 20 8.83 2.12 -1.90
C CYS A 20 10.19 1.46 -1.57
N GLU A 21 10.36 1.00 -0.34
CA GLU A 21 11.57 0.32 0.14
C GLU A 21 11.72 -1.10 -0.44
N LYS A 22 10.71 -1.98 -0.28
CA LYS A 22 10.79 -3.38 -0.71
C LYS A 22 10.72 -3.55 -2.24
N PHE A 23 9.77 -2.86 -2.87
CA PHE A 23 9.44 -3.00 -4.30
C PHE A 23 10.27 -2.09 -5.24
N GLU A 24 11.03 -1.15 -4.67
CA GLU A 24 12.03 -0.31 -5.37
C GLU A 24 11.42 0.65 -6.43
N CYS A 25 10.15 1.01 -6.25
CA CYS A 25 9.37 1.94 -7.09
C CYS A 25 8.97 3.19 -6.27
N THR A 26 8.70 4.33 -6.90
CA THR A 26 8.47 5.59 -6.17
C THR A 26 7.13 5.57 -5.42
N GLU A 27 7.14 6.14 -4.22
CA GLU A 27 5.98 6.17 -3.32
C GLU A 27 4.78 6.88 -3.97
N SER A 28 5.04 7.93 -4.75
CA SER A 28 4.06 8.65 -5.55
C SER A 28 3.40 7.76 -6.63
N GLU A 29 4.14 6.83 -7.25
CA GLU A 29 3.54 5.89 -8.21
C GLU A 29 2.75 4.79 -7.48
N VAL A 30 3.22 4.33 -6.33
CA VAL A 30 2.46 3.42 -5.44
C VAL A 30 1.11 4.03 -5.07
N MET A 31 1.09 5.29 -4.63
CA MET A 31 -0.15 6.02 -4.32
C MET A 31 -1.03 6.22 -5.57
N ASN A 32 -0.47 6.55 -6.74
CA ASN A 32 -1.25 6.69 -7.97
C ASN A 32 -2.06 5.42 -8.29
N SER A 33 -1.46 4.22 -8.29
CA SER A 33 -2.22 2.99 -8.58
C SER A 33 -3.34 2.69 -7.57
N LEU A 34 -3.22 3.21 -6.34
CA LEU A 34 -4.22 3.05 -5.27
C LEU A 34 -5.30 4.15 -5.29
N TYR A 35 -5.02 5.31 -5.90
CA TYR A 35 -5.88 6.50 -5.87
C TYR A 35 -6.59 6.79 -7.21
N SER A 36 -5.93 6.51 -8.34
CA SER A 36 -6.42 6.85 -9.70
C SER A 36 -6.09 5.81 -10.79
N GLY A 37 -5.32 4.75 -10.49
CA GLY A 37 -5.10 3.60 -11.37
C GLY A 37 -6.14 2.51 -11.09
N ASP A 38 -5.67 1.29 -10.85
CA ASP A 38 -6.49 0.13 -10.50
C ASP A 38 -5.77 -0.78 -9.47
N PRO A 39 -6.48 -1.34 -8.46
CA PRO A 39 -5.92 -2.23 -7.45
C PRO A 39 -5.17 -3.48 -7.95
N GLN A 40 -5.31 -3.85 -9.22
CA GLN A 40 -4.68 -5.03 -9.83
C GLN A 40 -3.29 -4.71 -10.41
N ASP A 41 -2.88 -3.43 -10.45
CA ASP A 41 -1.53 -3.00 -10.80
C ASP A 41 -0.49 -3.52 -9.80
N GLN A 42 0.71 -3.83 -10.29
CA GLN A 42 1.81 -4.40 -9.50
C GLN A 42 2.14 -3.59 -8.24
N LEU A 43 2.04 -2.25 -8.27
CA LEU A 43 2.33 -1.42 -7.09
C LEU A 43 1.19 -1.44 -6.06
N ALA A 44 -0.05 -1.59 -6.51
CA ALA A 44 -1.21 -1.79 -5.63
C ALA A 44 -1.25 -3.23 -5.06
N VAL A 45 -0.87 -4.22 -5.86
CA VAL A 45 -0.65 -5.60 -5.41
C VAL A 45 0.48 -5.66 -4.38
N ALA A 46 1.60 -4.95 -4.61
CA ALA A 46 2.67 -4.79 -3.61
C ALA A 46 2.14 -4.17 -2.31
N TYR A 47 1.35 -3.09 -2.37
CA TYR A 47 0.69 -2.51 -1.19
C TYR A 47 -0.21 -3.50 -0.45
N HIS A 48 -1.06 -4.25 -1.15
CA HIS A 48 -1.91 -5.29 -0.54
C HIS A 48 -1.08 -6.36 0.21
N LEU A 49 -0.02 -6.88 -0.43
CA LEU A 49 0.91 -7.85 0.16
C LEU A 49 1.70 -7.26 1.33
N ILE A 50 2.09 -5.99 1.24
CA ILE A 50 2.90 -5.30 2.27
C ILE A 50 2.07 -4.90 3.49
N ILE A 51 0.79 -4.57 3.32
CA ILE A 51 -0.15 -4.40 4.45
C ILE A 51 -0.28 -5.73 5.21
N ASP A 52 -0.36 -6.86 4.50
CA ASP A 52 -0.38 -8.20 5.13
C ASP A 52 0.95 -8.55 5.83
N ASN A 53 2.10 -8.20 5.25
CA ASN A 53 3.41 -8.32 5.92
C ASN A 53 3.40 -7.50 7.23
N ARG A 54 3.09 -6.20 7.12
CA ARG A 54 3.04 -5.22 8.21
C ARG A 54 2.10 -5.61 9.37
N ARG A 55 0.98 -6.26 9.06
CA ARG A 55 -0.03 -6.72 10.04
C ARG A 55 0.28 -8.12 10.61
N ILE A 56 0.52 -9.11 9.74
CA ILE A 56 0.60 -10.54 10.13
C ILE A 56 2.04 -11.04 10.31
N MET A 57 2.93 -10.75 9.37
CA MET A 57 4.31 -11.29 9.36
C MET A 57 5.27 -10.52 10.27
N ASN A 58 4.87 -9.32 10.71
CA ASN A 58 5.61 -8.42 11.62
C ASN A 58 5.58 -8.91 13.09
N GLN A 59 5.96 -10.17 13.31
CA GLN A 59 5.94 -10.87 14.61
C GLN A 59 7.20 -11.73 14.77
N ALA A 60 7.61 -11.99 16.03
CA ALA A 60 8.79 -12.79 16.40
C ALA A 60 8.69 -13.34 17.83
N SER A 61 9.44 -14.40 18.12
CA SER A 61 9.52 -15.03 19.46
C SER A 61 10.53 -14.31 20.39
N GLU A 62 10.34 -14.46 21.71
CA GLU A 62 11.18 -13.89 22.79
C GLU A 62 11.01 -14.62 24.14
N GLY A 1 -14.89 25.46 1.50
CA GLY A 1 -15.49 24.18 1.07
C GLY A 1 -14.74 22.97 1.63
N PRO A 2 -15.24 21.73 1.36
CA PRO A 2 -14.65 20.48 1.82
C PRO A 2 -13.36 20.12 1.05
N HIS A 3 -12.58 19.19 1.60
CA HIS A 3 -11.31 18.71 1.03
C HIS A 3 -10.95 17.30 1.58
N MET A 4 -10.13 16.55 0.84
CA MET A 4 -9.60 15.24 1.27
C MET A 4 -8.54 15.35 2.37
N SER A 5 -8.23 14.22 3.01
CA SER A 5 -7.19 14.03 4.03
C SER A 5 -6.98 12.52 4.26
N TYR A 6 -5.85 12.10 4.82
CA TYR A 6 -5.46 10.67 4.88
C TYR A 6 -6.48 9.78 5.61
N ASP A 7 -7.13 10.30 6.65
CA ASP A 7 -8.18 9.60 7.41
C ASP A 7 -9.51 9.43 6.65
N ALA A 8 -9.77 10.28 5.65
CA ALA A 8 -10.91 10.15 4.72
C ALA A 8 -10.55 9.29 3.49
N ASN A 9 -9.30 9.38 3.03
CA ASN A 9 -8.75 8.61 1.91
C ASN A 9 -8.52 7.12 2.27
N VAL A 10 -8.02 6.85 3.49
CA VAL A 10 -7.77 5.52 4.08
C VAL A 10 -6.61 4.81 3.36
N ILE A 11 -5.39 5.11 3.82
CA ILE A 11 -4.13 4.54 3.33
C ILE A 11 -3.13 4.36 4.50
N ASP A 12 -2.28 3.34 4.42
CA ASP A 12 -1.28 3.05 5.47
C ASP A 12 0.08 3.69 5.12
N ASP A 13 0.43 4.75 5.86
CA ASP A 13 1.63 5.57 5.64
C ASP A 13 2.94 4.76 5.71
N GLU A 14 3.01 3.77 6.62
CA GLU A 14 4.16 2.86 6.72
C GLU A 14 4.26 1.95 5.49
N ALA A 15 3.15 1.41 4.98
CA ALA A 15 3.14 0.63 3.75
C ALA A 15 3.56 1.50 2.54
N VAL A 16 2.96 2.69 2.42
CA VAL A 16 3.20 3.67 1.35
C VAL A 16 4.67 4.14 1.30
N LYS A 17 5.38 4.23 2.44
CA LYS A 17 6.82 4.54 2.44
C LYS A 17 7.70 3.29 2.26
N GLU A 18 7.33 2.14 2.86
CA GLU A 18 8.13 0.91 2.78
C GLU A 18 8.09 0.26 1.38
N VAL A 19 6.94 0.24 0.69
CA VAL A 19 6.78 -0.29 -0.68
C VAL A 19 7.80 0.27 -1.69
N CYS A 20 8.21 1.54 -1.54
CA CYS A 20 9.25 2.17 -2.37
C CYS A 20 10.60 1.44 -2.25
N GLU A 21 10.96 1.01 -1.03
CA GLU A 21 12.20 0.26 -0.76
C GLU A 21 12.01 -1.24 -1.05
N LYS A 22 10.97 -1.86 -0.46
CA LYS A 22 10.71 -3.31 -0.49
C LYS A 22 10.47 -3.84 -1.92
N PHE A 23 9.72 -3.09 -2.73
CA PHE A 23 9.34 -3.44 -4.10
C PHE A 23 10.16 -2.71 -5.19
N GLU A 24 11.04 -1.77 -4.79
CA GLU A 24 11.97 -1.02 -5.67
C GLU A 24 11.25 -0.08 -6.66
N CYS A 25 10.04 0.37 -6.30
CA CYS A 25 9.20 1.31 -7.05
C CYS A 25 9.25 2.74 -6.45
N THR A 26 8.23 3.58 -6.70
CA THR A 26 8.08 4.90 -6.07
C THR A 26 6.73 5.03 -5.34
N GLU A 27 6.78 5.76 -4.23
CA GLU A 27 5.59 6.16 -3.44
C GLU A 27 4.55 6.82 -4.35
N SER A 28 4.96 7.77 -5.19
CA SER A 28 4.07 8.49 -6.11
C SER A 28 3.32 7.57 -7.09
N GLU A 29 3.96 6.53 -7.63
CA GLU A 29 3.31 5.61 -8.58
C GLU A 29 2.43 4.58 -7.86
N VAL A 30 2.78 4.17 -6.64
CA VAL A 30 1.89 3.35 -5.79
C VAL A 30 0.61 4.13 -5.45
N MET A 31 0.73 5.37 -4.95
CA MET A 31 -0.43 6.21 -4.63
C MET A 31 -1.27 6.50 -5.89
N ASN A 32 -0.65 6.84 -7.02
CA ASN A 32 -1.33 6.99 -8.30
C ASN A 32 -2.10 5.71 -8.70
N SER A 33 -1.49 4.53 -8.58
CA SER A 33 -2.17 3.26 -8.90
C SER A 33 -3.39 2.97 -8.01
N LEU A 34 -3.41 3.48 -6.79
CA LEU A 34 -4.53 3.34 -5.84
C LEU A 34 -5.63 4.38 -6.07
N TYR A 35 -5.31 5.52 -6.72
CA TYR A 35 -6.24 6.66 -6.87
C TYR A 35 -6.78 6.81 -8.32
N SER A 36 -5.92 6.64 -9.32
CA SER A 36 -6.19 6.94 -10.73
C SER A 36 -5.89 5.78 -11.69
N GLY A 37 -5.12 4.76 -11.25
CA GLY A 37 -4.92 3.50 -11.97
C GLY A 37 -6.01 2.50 -11.59
N ASP A 38 -5.61 1.34 -11.08
CA ASP A 38 -6.50 0.34 -10.48
C ASP A 38 -5.78 -0.39 -9.31
N PRO A 39 -6.42 -0.60 -8.14
CA PRO A 39 -5.85 -1.32 -6.99
C PRO A 39 -5.37 -2.76 -7.25
N GLN A 40 -5.59 -3.32 -8.43
CA GLN A 40 -5.13 -4.65 -8.85
C GLN A 40 -3.77 -4.59 -9.59
N ASP A 41 -3.23 -3.39 -9.84
CA ASP A 41 -1.89 -3.18 -10.39
C ASP A 41 -0.79 -3.71 -9.44
N GLN A 42 0.34 -4.16 -9.99
CA GLN A 42 1.48 -4.68 -9.23
C GLN A 42 1.94 -3.75 -8.10
N LEU A 43 1.88 -2.42 -8.28
CA LEU A 43 2.30 -1.44 -7.27
C LEU A 43 1.30 -1.37 -6.10
N ALA A 44 0.00 -1.42 -6.41
CA ALA A 44 -1.06 -1.50 -5.39
C ALA A 44 -1.07 -2.88 -4.70
N VAL A 45 -0.81 -3.96 -5.43
CA VAL A 45 -0.66 -5.32 -4.88
C VAL A 45 0.56 -5.41 -3.96
N ALA A 46 1.70 -4.78 -4.29
CA ALA A 46 2.85 -4.68 -3.40
C ALA A 46 2.50 -3.99 -2.07
N TYR A 47 1.85 -2.82 -2.14
CA TYR A 47 1.30 -2.11 -0.98
C TYR A 47 0.36 -3.01 -0.13
N HIS A 48 -0.57 -3.72 -0.76
CA HIS A 48 -1.49 -4.65 -0.08
C HIS A 48 -0.75 -5.82 0.61
N LEU A 49 0.22 -6.45 -0.07
CA LEU A 49 1.05 -7.55 0.47
C LEU A 49 1.93 -7.08 1.64
N ILE A 50 2.42 -5.84 1.59
CA ILE A 50 3.18 -5.23 2.69
C ILE A 50 2.29 -4.94 3.90
N ILE A 51 1.03 -4.54 3.71
CA ILE A 51 0.04 -4.45 4.80
C ILE A 51 -0.20 -5.83 5.41
N ASP A 52 -0.38 -6.88 4.61
CA ASP A 52 -0.59 -8.24 5.13
C ASP A 52 0.62 -8.77 5.90
N ASN A 53 1.84 -8.50 5.43
CA ASN A 53 3.08 -8.81 6.14
C ASN A 53 3.15 -8.05 7.47
N ARG A 54 2.91 -6.73 7.47
CA ARG A 54 2.85 -5.87 8.67
C ARG A 54 1.77 -6.32 9.68
N ARG A 55 0.62 -6.80 9.19
CA ARG A 55 -0.51 -7.30 9.99
C ARG A 55 -0.29 -8.71 10.56
N ILE A 56 -0.06 -9.71 9.70
CA ILE A 56 -0.04 -11.15 10.03
C ILE A 56 1.38 -11.66 10.31
N MET A 57 2.35 -11.29 9.47
CA MET A 57 3.77 -11.70 9.57
C MET A 57 4.60 -10.66 10.36
N ASN A 58 3.97 -10.00 11.34
CA ASN A 58 4.49 -8.85 12.08
C ASN A 58 5.85 -9.09 12.76
N GLN A 59 6.11 -10.32 13.20
CA GLN A 59 7.25 -10.72 14.04
C GLN A 59 7.33 -12.26 14.16
N ALA A 60 8.46 -12.76 14.68
CA ALA A 60 8.74 -14.18 14.90
C ALA A 60 9.80 -14.38 16.00
N SER A 61 9.93 -15.60 16.52
CA SER A 61 10.87 -16.04 17.57
C SER A 61 10.86 -17.58 17.73
N GLU A 62 11.90 -18.15 18.36
CA GLU A 62 12.10 -19.59 18.59
C GLU A 62 13.00 -19.87 19.81
N GLY A 1 -15.67 18.78 -7.48
CA GLY A 1 -16.35 19.05 -6.19
C GLY A 1 -15.77 18.26 -5.02
N PRO A 2 -16.27 18.48 -3.79
CA PRO A 2 -15.81 17.79 -2.57
C PRO A 2 -16.30 16.34 -2.51
N HIS A 3 -15.69 15.53 -1.64
CA HIS A 3 -15.98 14.11 -1.46
C HIS A 3 -15.48 13.58 -0.09
N MET A 4 -15.90 12.36 0.30
CA MET A 4 -15.42 11.66 1.50
C MET A 4 -13.99 11.14 1.33
N SER A 5 -13.27 10.93 2.43
CA SER A 5 -11.94 10.30 2.42
C SER A 5 -12.06 8.78 2.20
N TYR A 6 -11.59 8.28 1.05
CA TYR A 6 -11.64 6.88 0.67
C TYR A 6 -10.41 6.07 1.12
N ASP A 7 -10.38 4.77 0.83
CA ASP A 7 -9.31 3.84 1.26
C ASP A 7 -7.91 4.29 0.82
N ALA A 8 -7.80 4.86 -0.38
CA ALA A 8 -6.56 5.44 -0.91
C ALA A 8 -6.15 6.75 -0.19
N ASN A 9 -7.11 7.55 0.28
CA ASN A 9 -6.84 8.73 1.12
C ASN A 9 -6.40 8.32 2.54
N VAL A 10 -7.11 7.38 3.19
CA VAL A 10 -6.86 6.95 4.59
C VAL A 10 -5.73 5.89 4.71
N ILE A 11 -4.74 5.94 3.82
CA ILE A 11 -3.63 4.99 3.72
C ILE A 11 -2.61 5.14 4.89
N ASP A 12 -1.85 4.07 5.18
CA ASP A 12 -0.74 4.14 6.13
C ASP A 12 0.56 4.60 5.43
N ASP A 13 1.16 5.68 5.91
CA ASP A 13 2.45 6.17 5.43
C ASP A 13 3.56 5.11 5.57
N GLU A 14 3.57 4.32 6.65
CA GLU A 14 4.56 3.26 6.84
C GLU A 14 4.46 2.20 5.75
N ALA A 15 3.24 1.85 5.33
CA ALA A 15 3.03 0.90 4.23
C ALA A 15 3.58 1.48 2.93
N VAL A 16 3.17 2.69 2.53
CA VAL A 16 3.66 3.33 1.30
C VAL A 16 5.20 3.47 1.28
N LYS A 17 5.82 3.81 2.43
CA LYS A 17 7.28 3.81 2.61
C LYS A 17 7.89 2.40 2.43
N GLU A 18 7.30 1.37 3.04
CA GLU A 18 7.73 -0.02 2.84
C GLU A 18 7.56 -0.49 1.39
N VAL A 19 6.49 -0.13 0.68
CA VAL A 19 6.35 -0.46 -0.76
C VAL A 19 7.48 0.19 -1.56
N CYS A 20 7.73 1.50 -1.35
CA CYS A 20 8.82 2.24 -2.01
C CYS A 20 10.18 1.53 -1.81
N GLU A 21 10.50 1.15 -0.58
CA GLU A 21 11.76 0.48 -0.22
C GLU A 21 11.85 -0.96 -0.76
N LYS A 22 10.88 -1.82 -0.42
CA LYS A 22 10.92 -3.27 -0.67
C LYS A 22 10.74 -3.62 -2.16
N PHE A 23 9.80 -2.95 -2.83
CA PHE A 23 9.50 -3.14 -4.25
C PHE A 23 10.42 -2.33 -5.19
N GLU A 24 11.14 -1.33 -4.65
CA GLU A 24 12.16 -0.51 -5.34
C GLU A 24 11.54 0.38 -6.44
N CYS A 25 10.55 1.21 -6.05
CA CYS A 25 9.78 2.13 -6.91
C CYS A 25 9.43 3.43 -6.16
N THR A 26 8.89 4.44 -6.85
CA THR A 26 8.48 5.72 -6.25
C THR A 26 7.17 5.59 -5.48
N GLU A 27 7.03 6.35 -4.39
CA GLU A 27 5.79 6.42 -3.60
C GLU A 27 4.63 6.92 -4.46
N SER A 28 4.87 7.93 -5.30
CA SER A 28 3.86 8.55 -6.16
C SER A 28 3.15 7.55 -7.08
N GLU A 29 3.84 6.51 -7.57
CA GLU A 29 3.22 5.49 -8.42
C GLU A 29 2.41 4.46 -7.61
N VAL A 30 2.70 4.27 -6.31
CA VAL A 30 1.86 3.48 -5.40
C VAL A 30 0.54 4.22 -5.17
N MET A 31 0.62 5.53 -4.89
CA MET A 31 -0.55 6.39 -4.74
C MET A 31 -1.37 6.47 -6.03
N ASN A 32 -0.73 6.71 -7.18
CA ASN A 32 -1.41 6.73 -8.47
C ASN A 32 -2.13 5.39 -8.76
N SER A 33 -1.50 4.24 -8.52
CA SER A 33 -2.13 2.93 -8.75
C SER A 33 -3.39 2.70 -7.88
N LEU A 34 -3.53 3.42 -6.76
CA LEU A 34 -4.67 3.34 -5.84
C LEU A 34 -5.70 4.46 -6.10
N TYR A 35 -5.34 5.55 -6.77
CA TYR A 35 -6.25 6.67 -7.12
C TYR A 35 -6.77 6.58 -8.57
N SER A 36 -5.87 6.40 -9.53
CA SER A 36 -6.14 6.41 -10.98
C SER A 36 -6.02 5.01 -11.63
N GLY A 37 -5.28 4.08 -11.01
CA GLY A 37 -5.21 2.68 -11.41
C GLY A 37 -6.30 1.83 -10.75
N ASP A 38 -6.02 0.55 -10.54
CA ASP A 38 -6.87 -0.44 -9.91
C ASP A 38 -6.06 -1.33 -8.94
N PRO A 39 -6.63 -1.87 -7.83
CA PRO A 39 -5.97 -2.77 -6.88
C PRO A 39 -5.32 -4.06 -7.44
N GLN A 40 -5.28 -4.24 -8.76
CA GLN A 40 -4.62 -5.35 -9.45
C GLN A 40 -3.27 -4.93 -10.09
N ASP A 41 -2.96 -3.62 -10.13
CA ASP A 41 -1.66 -3.10 -10.56
C ASP A 41 -0.57 -3.50 -9.56
N GLN A 42 0.62 -3.83 -10.08
CA GLN A 42 1.74 -4.39 -9.30
C GLN A 42 2.10 -3.60 -8.04
N LEU A 43 2.00 -2.26 -8.07
CA LEU A 43 2.30 -1.41 -6.90
C LEU A 43 1.15 -1.35 -5.89
N ALA A 44 -0.11 -1.44 -6.34
CA ALA A 44 -1.26 -1.63 -5.46
C ALA A 44 -1.29 -3.04 -4.84
N VAL A 45 -0.90 -4.05 -5.62
CA VAL A 45 -0.65 -5.42 -5.15
C VAL A 45 0.49 -5.44 -4.13
N ALA A 46 1.63 -4.78 -4.40
CA ALA A 46 2.72 -4.62 -3.43
C ALA A 46 2.26 -3.94 -2.13
N TYR A 47 1.45 -2.88 -2.22
CA TYR A 47 0.78 -2.29 -1.05
C TYR A 47 -0.04 -3.33 -0.26
N HIS A 48 -0.83 -4.18 -0.94
CA HIS A 48 -1.53 -5.28 -0.27
C HIS A 48 -0.56 -6.26 0.43
N LEU A 49 0.53 -6.70 -0.22
CA LEU A 49 1.53 -7.60 0.37
C LEU A 49 2.26 -6.97 1.56
N ILE A 50 2.60 -5.67 1.51
CA ILE A 50 3.19 -4.92 2.65
C ILE A 50 2.19 -4.80 3.82
N ILE A 51 0.92 -4.53 3.54
CA ILE A 51 -0.13 -4.46 4.57
C ILE A 51 -0.36 -5.84 5.21
N ASP A 52 -0.34 -6.93 4.43
CA ASP A 52 -0.36 -8.32 4.91
C ASP A 52 0.90 -8.65 5.73
N ASN A 53 2.09 -8.18 5.31
CA ASN A 53 3.33 -8.33 6.05
C ASN A 53 3.21 -7.68 7.45
N ARG A 54 2.87 -6.39 7.52
CA ARG A 54 2.71 -5.65 8.78
C ARG A 54 1.64 -6.26 9.69
N ARG A 55 0.49 -6.64 9.12
CA ARG A 55 -0.66 -7.19 9.86
C ARG A 55 -0.44 -8.62 10.37
N ILE A 56 0.07 -9.53 9.53
CA ILE A 56 0.13 -10.99 9.81
C ILE A 56 1.56 -11.54 9.97
N MET A 57 2.48 -11.17 9.08
CA MET A 57 3.81 -11.80 9.00
C MET A 57 4.83 -11.23 9.99
N ASN A 58 4.64 -9.99 10.44
CA ASN A 58 5.59 -9.20 11.23
C ASN A 58 6.13 -9.95 12.45
N GLN A 59 7.46 -10.19 12.46
CA GLN A 59 8.17 -10.97 13.48
C GLN A 59 9.68 -10.66 13.50
N ALA A 60 10.37 -11.06 14.58
CA ALA A 60 11.82 -10.91 14.72
C ALA A 60 12.61 -11.92 13.86
N SER A 61 13.87 -11.61 13.57
CA SER A 61 14.78 -12.45 12.77
C SER A 61 15.43 -13.61 13.56
N GLU A 62 15.31 -13.63 14.90
CA GLU A 62 15.87 -14.64 15.82
C GLU A 62 15.11 -14.70 17.16
N GLY A 1 -22.49 6.15 4.24
CA GLY A 1 -21.02 5.93 4.14
C GLY A 1 -20.51 4.92 5.18
N PRO A 2 -19.16 4.77 5.31
CA PRO A 2 -18.52 3.85 6.26
C PRO A 2 -19.00 4.06 7.70
N HIS A 3 -19.31 2.96 8.40
CA HIS A 3 -19.81 3.01 9.78
C HIS A 3 -18.67 3.05 10.84
N MET A 4 -17.41 2.91 10.39
CA MET A 4 -16.20 2.89 11.22
C MET A 4 -15.84 4.26 11.80
N SER A 5 -15.13 4.29 12.93
CA SER A 5 -14.62 5.54 13.54
C SER A 5 -13.44 6.14 12.73
N TYR A 6 -12.71 5.32 11.98
CA TYR A 6 -11.65 5.71 11.03
C TYR A 6 -12.19 5.83 9.59
N ASP A 7 -11.47 6.58 8.74
CA ASP A 7 -11.77 6.74 7.32
C ASP A 7 -11.34 5.49 6.50
N ALA A 8 -12.21 5.02 5.60
CA ALA A 8 -11.99 3.81 4.80
C ALA A 8 -11.17 4.04 3.51
N ASN A 9 -11.04 5.29 3.06
CA ASN A 9 -10.39 5.65 1.79
C ASN A 9 -8.89 6.02 1.95
N VAL A 10 -8.50 6.65 3.05
CA VAL A 10 -7.12 7.11 3.33
C VAL A 10 -6.11 5.95 3.32
N ILE A 11 -4.94 6.19 2.73
CA ILE A 11 -3.85 5.21 2.55
C ILE A 11 -2.87 5.20 3.74
N ASP A 12 -2.22 4.06 3.97
CA ASP A 12 -1.23 3.90 5.04
C ASP A 12 0.15 4.37 4.57
N ASP A 13 0.60 5.52 5.08
CA ASP A 13 1.85 6.17 4.72
C ASP A 13 3.08 5.30 5.02
N GLU A 14 3.05 4.56 6.15
CA GLU A 14 4.09 3.58 6.50
C GLU A 14 4.14 2.44 5.47
N ALA A 15 2.99 1.92 5.05
CA ALA A 15 2.91 0.86 4.04
C ALA A 15 3.41 1.38 2.68
N VAL A 16 2.96 2.54 2.22
CA VAL A 16 3.46 3.16 0.98
C VAL A 16 4.99 3.36 1.03
N LYS A 17 5.54 3.80 2.16
CA LYS A 17 7.00 3.89 2.36
C LYS A 17 7.68 2.52 2.28
N GLU A 18 7.12 1.49 2.93
CA GLU A 18 7.63 0.12 2.81
C GLU A 18 7.53 -0.42 1.36
N VAL A 19 6.45 -0.14 0.60
CA VAL A 19 6.37 -0.52 -0.83
C VAL A 19 7.46 0.18 -1.65
N CYS A 20 7.71 1.48 -1.42
CA CYS A 20 8.80 2.22 -2.06
C CYS A 20 10.17 1.54 -1.81
N GLU A 21 10.44 1.13 -0.56
CA GLU A 21 11.68 0.45 -0.16
C GLU A 21 11.79 -0.98 -0.75
N LYS A 22 10.77 -1.83 -0.53
CA LYS A 22 10.73 -3.25 -0.92
C LYS A 22 10.70 -3.44 -2.45
N PHE A 23 9.80 -2.72 -3.12
CA PHE A 23 9.46 -2.92 -4.54
C PHE A 23 10.26 -2.02 -5.51
N GLU A 24 11.00 -1.03 -5.00
CA GLU A 24 11.95 -0.17 -5.73
C GLU A 24 11.27 0.82 -6.71
N CYS A 25 10.01 1.17 -6.44
CA CYS A 25 9.27 2.25 -7.13
C CYS A 25 9.18 3.50 -6.24
N THR A 26 8.50 4.56 -6.71
CA THR A 26 8.31 5.81 -5.94
C THR A 26 7.02 5.79 -5.15
N GLU A 27 7.00 6.50 -4.02
CA GLU A 27 5.80 6.68 -3.20
C GLU A 27 4.65 7.28 -4.03
N SER A 28 4.95 8.22 -4.91
CA SER A 28 3.97 8.84 -5.81
C SER A 28 3.38 7.86 -6.83
N GLU A 29 4.17 6.93 -7.38
CA GLU A 29 3.66 5.91 -8.30
C GLU A 29 2.89 4.81 -7.56
N VAL A 30 3.34 4.45 -6.35
CA VAL A 30 2.58 3.53 -5.47
C VAL A 30 1.22 4.13 -5.09
N MET A 31 1.16 5.41 -4.70
CA MET A 31 -0.10 6.11 -4.45
C MET A 31 -0.98 6.20 -5.69
N ASN A 32 -0.43 6.38 -6.90
CA ASN A 32 -1.25 6.54 -8.13
C ASN A 32 -2.25 5.38 -8.34
N SER A 33 -1.79 4.13 -8.35
CA SER A 33 -2.69 2.97 -8.54
C SER A 33 -3.71 2.78 -7.41
N LEU A 34 -3.39 3.30 -6.21
CA LEU A 34 -4.25 3.26 -5.03
C LEU A 34 -5.25 4.44 -5.00
N TYR A 35 -4.94 5.54 -5.72
CA TYR A 35 -5.81 6.68 -5.94
C TYR A 35 -6.81 6.42 -7.07
N SER A 36 -6.37 5.79 -8.17
CA SER A 36 -7.28 5.28 -9.22
C SER A 36 -8.10 4.07 -8.71
N GLY A 37 -7.52 3.28 -7.80
CA GLY A 37 -8.21 2.22 -7.06
C GLY A 37 -8.23 0.86 -7.76
N ASP A 38 -7.21 0.57 -8.58
CA ASP A 38 -7.06 -0.72 -9.25
C ASP A 38 -6.12 -1.65 -8.46
N PRO A 39 -6.64 -2.74 -7.84
CA PRO A 39 -5.83 -3.66 -7.03
C PRO A 39 -5.01 -4.64 -7.88
N GLN A 40 -5.14 -4.63 -9.22
CA GLN A 40 -4.51 -5.60 -10.12
C GLN A 40 -3.12 -5.14 -10.59
N ASP A 41 -2.81 -3.85 -10.44
CA ASP A 41 -1.51 -3.26 -10.76
C ASP A 41 -0.42 -3.71 -9.78
N GLN A 42 0.81 -3.95 -10.27
CA GLN A 42 1.91 -4.50 -9.47
C GLN A 42 2.22 -3.66 -8.22
N LEU A 43 2.08 -2.33 -8.26
CA LEU A 43 2.34 -1.47 -7.10
C LEU A 43 1.20 -1.54 -6.06
N ALA A 44 -0.05 -1.74 -6.51
CA ALA A 44 -1.19 -2.01 -5.64
C ALA A 44 -1.15 -3.43 -5.07
N VAL A 45 -0.73 -4.41 -5.86
CA VAL A 45 -0.44 -5.79 -5.39
C VAL A 45 0.65 -5.75 -4.32
N ALA A 46 1.78 -5.07 -4.56
CA ALA A 46 2.83 -4.86 -3.56
C ALA A 46 2.28 -4.21 -2.28
N TYR A 47 1.45 -3.17 -2.37
CA TYR A 47 0.77 -2.58 -1.22
C TYR A 47 -0.10 -3.58 -0.45
N HIS A 48 -0.95 -4.38 -1.11
CA HIS A 48 -1.77 -5.39 -0.43
C HIS A 48 -0.91 -6.45 0.28
N LEU A 49 0.15 -6.96 -0.37
CA LEU A 49 1.11 -7.91 0.19
C LEU A 49 1.88 -7.33 1.38
N ILE A 50 2.29 -6.06 1.30
CA ILE A 50 3.06 -5.37 2.36
C ILE A 50 2.16 -4.95 3.53
N ILE A 51 0.89 -4.61 3.31
CA ILE A 51 -0.12 -4.40 4.37
C ILE A 51 -0.33 -5.71 5.14
N ASP A 52 -0.49 -6.84 4.45
CA ASP A 52 -0.63 -8.17 5.08
C ASP A 52 0.63 -8.55 5.88
N ASN A 53 1.82 -8.29 5.33
CA ASN A 53 3.08 -8.47 6.05
C ASN A 53 3.11 -7.62 7.33
N ARG A 54 2.93 -6.29 7.20
CA ARG A 54 2.88 -5.31 8.29
C ARG A 54 1.88 -5.69 9.40
N ARG A 55 0.71 -6.23 9.02
CA ARG A 55 -0.37 -6.63 9.93
C ARG A 55 -0.13 -7.99 10.62
N ILE A 56 0.24 -9.03 9.86
CA ILE A 56 0.28 -10.43 10.34
C ILE A 56 1.71 -11.00 10.45
N MET A 57 2.52 -10.85 9.40
CA MET A 57 3.85 -11.51 9.25
C MET A 57 5.02 -10.53 9.41
N ASN A 58 4.91 -9.56 10.33
CA ASN A 58 5.82 -8.43 10.46
C ASN A 58 7.30 -8.84 10.65
N GLN A 59 8.21 -8.19 9.93
CA GLN A 59 9.64 -8.51 9.91
C GLN A 59 10.37 -8.07 11.20
N ALA A 60 10.05 -6.88 11.73
CA ALA A 60 10.73 -6.30 12.90
C ALA A 60 9.90 -5.18 13.58
N SER A 61 10.10 -4.98 14.87
CA SER A 61 9.41 -4.00 15.72
C SER A 61 10.02 -3.94 17.14
N GLU A 62 9.85 -2.80 17.85
CA GLU A 62 10.38 -2.54 19.20
C GLU A 62 9.57 -1.47 19.95
N GLY A 1 -9.77 12.47 12.84
CA GLY A 1 -9.54 12.89 11.43
C GLY A 1 -10.80 13.44 10.76
N PRO A 2 -10.65 14.07 9.57
CA PRO A 2 -11.77 14.67 8.82
C PRO A 2 -12.63 13.62 8.12
N HIS A 3 -13.87 13.99 7.76
CA HIS A 3 -14.81 13.11 7.07
C HIS A 3 -14.33 12.72 5.64
N MET A 4 -13.38 13.49 5.08
CA MET A 4 -12.76 13.22 3.77
C MET A 4 -11.89 11.95 3.74
N SER A 5 -11.51 11.41 4.90
CA SER A 5 -10.73 10.17 5.04
C SER A 5 -11.60 8.90 4.82
N TYR A 6 -12.34 8.85 3.70
CA TYR A 6 -13.14 7.71 3.25
C TYR A 6 -12.29 6.44 3.01
N ASP A 7 -12.94 5.27 2.92
CA ASP A 7 -12.28 3.96 2.70
C ASP A 7 -11.45 3.90 1.40
N ALA A 8 -11.91 4.60 0.35
CA ALA A 8 -11.18 4.75 -0.92
C ALA A 8 -10.03 5.77 -0.84
N ASN A 9 -10.17 6.81 0.01
CA ASN A 9 -9.17 7.87 0.20
C ASN A 9 -8.03 7.46 1.15
N VAL A 10 -8.35 6.80 2.26
CA VAL A 10 -7.40 6.49 3.35
C VAL A 10 -6.30 5.52 2.91
N ILE A 11 -5.07 5.76 3.39
CA ILE A 11 -3.84 5.01 3.05
C ILE A 11 -2.96 4.81 4.30
N ASP A 12 -2.17 3.75 4.32
CA ASP A 12 -1.19 3.48 5.38
C ASP A 12 0.19 4.06 5.00
N ASP A 13 0.56 5.18 5.63
CA ASP A 13 1.80 5.92 5.34
C ASP A 13 3.06 5.07 5.56
N GLU A 14 3.04 4.19 6.58
CA GLU A 14 4.11 3.23 6.85
C GLU A 14 4.23 2.17 5.75
N ALA A 15 3.10 1.69 5.23
CA ALA A 15 3.07 0.77 4.08
C ALA A 15 3.59 1.45 2.80
N VAL A 16 3.11 2.67 2.51
CA VAL A 16 3.58 3.51 1.38
C VAL A 16 5.10 3.75 1.47
N LYS A 17 5.62 4.03 2.68
CA LYS A 17 7.05 4.18 2.93
C LYS A 17 7.81 2.87 2.66
N GLU A 18 7.33 1.73 3.17
CA GLU A 18 7.98 0.43 2.95
C GLU A 18 7.92 -0.03 1.48
N VAL A 19 6.77 0.02 0.78
CA VAL A 19 6.66 -0.47 -0.61
C VAL A 19 7.63 0.22 -1.58
N CYS A 20 7.96 1.49 -1.34
CA CYS A 20 8.99 2.24 -2.08
C CYS A 20 10.37 1.52 -2.04
N GLU A 21 10.72 0.90 -0.91
CA GLU A 21 11.99 0.20 -0.69
C GLU A 21 11.87 -1.29 -1.05
N LYS A 22 10.85 -1.96 -0.48
CA LYS A 22 10.55 -3.39 -0.68
C LYS A 22 10.42 -3.76 -2.16
N PHE A 23 9.67 -2.95 -2.93
CA PHE A 23 9.33 -3.19 -4.33
C PHE A 23 10.16 -2.36 -5.33
N GLU A 24 11.02 -1.46 -4.84
CA GLU A 24 11.96 -0.65 -5.64
C GLU A 24 11.26 0.32 -6.61
N CYS A 25 10.06 0.78 -6.25
CA CYS A 25 9.20 1.69 -7.02
C CYS A 25 9.27 3.14 -6.48
N THR A 26 8.17 3.92 -6.59
CA THR A 26 8.00 5.24 -5.95
C THR A 26 6.67 5.32 -5.22
N GLU A 27 6.66 6.10 -4.13
CA GLU A 27 5.44 6.43 -3.37
C GLU A 27 4.40 7.06 -4.29
N SER A 28 4.83 7.96 -5.18
CA SER A 28 3.97 8.65 -6.15
C SER A 28 3.27 7.67 -7.11
N GLU A 29 3.97 6.64 -7.62
CA GLU A 29 3.36 5.67 -8.55
C GLU A 29 2.52 4.62 -7.81
N VAL A 30 2.87 4.28 -6.57
CA VAL A 30 2.02 3.45 -5.70
C VAL A 30 0.68 4.16 -5.44
N MET A 31 0.72 5.45 -5.05
CA MET A 31 -0.48 6.27 -4.87
C MET A 31 -1.26 6.43 -6.17
N ASN A 32 -0.59 6.65 -7.31
CA ASN A 32 -1.21 6.66 -8.64
C ASN A 32 -2.06 5.39 -8.86
N SER A 33 -1.48 4.20 -8.75
CA SER A 33 -2.25 2.94 -8.94
C SER A 33 -3.40 2.73 -7.95
N LEU A 34 -3.37 3.38 -6.78
CA LEU A 34 -4.44 3.30 -5.77
C LEU A 34 -5.56 4.33 -5.99
N TYR A 35 -5.28 5.46 -6.65
CA TYR A 35 -6.24 6.57 -6.83
C TYR A 35 -6.72 6.78 -8.28
N SER A 36 -5.87 6.52 -9.27
CA SER A 36 -6.12 6.82 -10.69
C SER A 36 -5.85 5.64 -11.64
N GLY A 37 -5.11 4.62 -11.21
CA GLY A 37 -4.95 3.34 -11.92
C GLY A 37 -6.03 2.34 -11.49
N ASP A 38 -5.61 1.16 -11.05
CA ASP A 38 -6.48 0.13 -10.49
C ASP A 38 -5.75 -0.67 -9.37
N PRO A 39 -6.42 -1.02 -8.24
CA PRO A 39 -5.83 -1.77 -7.13
C PRO A 39 -5.20 -3.13 -7.48
N GLN A 40 -5.47 -3.70 -8.66
CA GLN A 40 -4.89 -4.96 -9.13
C GLN A 40 -3.55 -4.76 -9.87
N ASP A 41 -3.10 -3.52 -10.06
CA ASP A 41 -1.76 -3.18 -10.55
C ASP A 41 -0.67 -3.61 -9.56
N GLN A 42 0.49 -4.02 -10.09
CA GLN A 42 1.64 -4.52 -9.32
C GLN A 42 2.03 -3.62 -8.13
N LEU A 43 1.96 -2.29 -8.25
CA LEU A 43 2.38 -1.37 -7.20
C LEU A 43 1.34 -1.28 -6.06
N ALA A 44 0.06 -1.32 -6.41
CA ALA A 44 -1.04 -1.43 -5.44
C ALA A 44 -1.07 -2.82 -4.77
N VAL A 45 -0.87 -3.88 -5.56
CA VAL A 45 -0.72 -5.27 -5.06
C VAL A 45 0.45 -5.36 -4.07
N ALA A 46 1.63 -4.79 -4.37
CA ALA A 46 2.76 -4.72 -3.45
C ALA A 46 2.40 -4.03 -2.13
N TYR A 47 1.77 -2.86 -2.19
CA TYR A 47 1.23 -2.14 -1.02
C TYR A 47 0.27 -3.02 -0.18
N HIS A 48 -0.69 -3.71 -0.80
CA HIS A 48 -1.62 -4.61 -0.11
C HIS A 48 -0.90 -5.83 0.53
N LEU A 49 0.04 -6.47 -0.17
CA LEU A 49 0.86 -7.59 0.33
C LEU A 49 1.75 -7.16 1.50
N ILE A 50 2.28 -5.92 1.47
CA ILE A 50 3.07 -5.35 2.57
C ILE A 50 2.19 -5.03 3.79
N ILE A 51 0.92 -4.66 3.60
CA ILE A 51 -0.05 -4.51 4.71
C ILE A 51 -0.42 -5.87 5.32
N ASP A 52 -0.51 -6.95 4.54
CA ASP A 52 -0.64 -8.31 5.08
C ASP A 52 0.60 -8.74 5.87
N ASN A 53 1.79 -8.49 5.34
CA ASN A 53 3.07 -8.76 6.01
C ASN A 53 3.16 -8.03 7.36
N ARG A 54 2.96 -6.70 7.34
CA ARG A 54 2.98 -5.78 8.48
C ARG A 54 2.02 -6.16 9.62
N ARG A 55 0.85 -6.70 9.27
CA ARG A 55 -0.15 -7.20 10.23
C ARG A 55 0.13 -8.63 10.72
N ILE A 56 0.26 -9.59 9.79
CA ILE A 56 0.31 -11.03 10.08
C ILE A 56 1.74 -11.55 10.26
N MET A 57 2.60 -11.35 9.26
CA MET A 57 3.95 -11.96 9.21
C MET A 57 4.92 -11.29 10.20
N ASN A 58 4.59 -10.10 10.69
CA ASN A 58 5.29 -9.38 11.76
C ASN A 58 5.17 -10.08 13.14
N GLN A 59 4.18 -10.94 13.35
CA GLN A 59 3.94 -11.63 14.62
C GLN A 59 5.00 -12.73 14.88
N ALA A 60 5.46 -12.85 16.13
CA ALA A 60 6.45 -13.85 16.54
C ALA A 60 5.86 -15.27 16.68
N SER A 61 6.72 -16.29 16.64
CA SER A 61 6.35 -17.70 16.79
C SER A 61 6.16 -18.16 18.25
N GLU A 62 6.53 -17.33 19.23
CA GLU A 62 6.43 -17.59 20.70
C GLU A 62 5.89 -16.37 21.48
N GLY A 1 -2.83 17.90 3.56
CA GLY A 1 -4.12 17.68 4.27
C GLY A 1 -4.17 16.34 5.01
N PRO A 2 -5.18 16.13 5.87
CA PRO A 2 -5.32 14.93 6.71
C PRO A 2 -5.89 13.70 5.95
N HIS A 3 -6.58 13.90 4.82
CA HIS A 3 -7.16 12.84 3.99
C HIS A 3 -6.59 12.87 2.55
N MET A 4 -6.54 11.71 1.89
CA MET A 4 -6.05 11.58 0.50
C MET A 4 -7.06 12.07 -0.54
N SER A 5 -6.62 12.24 -1.80
CA SER A 5 -7.45 12.78 -2.89
C SER A 5 -8.59 11.85 -3.34
N TYR A 6 -8.51 10.54 -3.05
CA TYR A 6 -9.59 9.56 -3.25
C TYR A 6 -10.10 9.00 -1.91
N ASP A 7 -9.25 8.32 -1.14
CA ASP A 7 -9.61 7.60 0.08
C ASP A 7 -8.37 7.32 0.96
N ALA A 8 -8.44 7.67 2.24
CA ALA A 8 -7.35 7.41 3.20
C ALA A 8 -7.30 5.95 3.70
N ASN A 9 -8.44 5.26 3.76
CA ASN A 9 -8.52 3.89 4.30
C ASN A 9 -7.76 2.86 3.43
N VAL A 10 -7.79 3.00 2.10
CA VAL A 10 -7.05 2.15 1.14
C VAL A 10 -5.54 2.48 1.04
N ILE A 11 -4.99 3.08 2.09
CA ILE A 11 -3.62 3.56 2.22
C ILE A 11 -3.10 3.39 3.67
N ASP A 12 -1.77 3.32 3.81
CA ASP A 12 -1.05 3.37 5.09
C ASP A 12 0.27 4.09 4.83
N ASP A 13 0.53 5.20 5.51
CA ASP A 13 1.75 5.98 5.31
C ASP A 13 3.03 5.19 5.62
N GLU A 14 2.95 4.10 6.41
CA GLU A 14 4.07 3.22 6.70
C GLU A 14 4.27 2.15 5.62
N ALA A 15 3.19 1.56 5.10
CA ALA A 15 3.29 0.65 3.95
C ALA A 15 3.71 1.41 2.68
N VAL A 16 3.16 2.61 2.46
CA VAL A 16 3.55 3.51 1.35
C VAL A 16 5.02 3.96 1.48
N LYS A 17 5.56 4.10 2.70
CA LYS A 17 7.00 4.30 2.90
C LYS A 17 7.80 3.03 2.57
N GLU A 18 7.40 1.86 3.09
CA GLU A 18 8.13 0.60 2.91
C GLU A 18 8.11 0.10 1.46
N VAL A 19 6.96 0.11 0.77
CA VAL A 19 6.80 -0.30 -0.64
C VAL A 19 7.74 0.46 -1.60
N CYS A 20 8.19 1.66 -1.23
CA CYS A 20 9.16 2.42 -2.02
C CYS A 20 10.54 1.72 -2.10
N GLU A 21 11.03 1.18 -0.97
CA GLU A 21 12.31 0.45 -0.89
C GLU A 21 12.14 -1.06 -1.12
N LYS A 22 11.02 -1.64 -0.70
CA LYS A 22 10.71 -3.08 -0.82
C LYS A 22 10.42 -3.49 -2.28
N PHE A 23 9.70 -2.64 -3.02
CA PHE A 23 9.30 -2.87 -4.43
C PHE A 23 10.05 -1.99 -5.46
N GLU A 24 10.93 -1.08 -5.00
CA GLU A 24 11.87 -0.30 -5.84
C GLU A 24 11.17 0.68 -6.81
N CYS A 25 9.98 1.15 -6.44
CA CYS A 25 9.15 2.12 -7.19
C CYS A 25 8.94 3.40 -6.35
N THR A 26 8.58 4.53 -6.96
CA THR A 26 8.38 5.79 -6.21
C THR A 26 7.05 5.78 -5.46
N GLU A 27 6.99 6.52 -4.34
CA GLU A 27 5.78 6.63 -3.52
C GLU A 27 4.60 7.13 -4.36
N SER A 28 4.81 8.15 -5.19
CA SER A 28 3.76 8.72 -6.06
C SER A 28 3.28 7.76 -7.15
N GLU A 29 4.11 6.81 -7.61
CA GLU A 29 3.66 5.74 -8.51
C GLU A 29 2.75 4.76 -7.78
N VAL A 30 3.09 4.37 -6.54
CA VAL A 30 2.25 3.45 -5.75
C VAL A 30 0.95 4.13 -5.29
N MET A 31 0.99 5.42 -4.94
CA MET A 31 -0.21 6.22 -4.70
C MET A 31 -1.14 6.23 -5.91
N ASN A 32 -0.62 6.34 -7.14
CA ASN A 32 -1.46 6.37 -8.36
C ASN A 32 -2.35 5.12 -8.50
N SER A 33 -1.80 3.91 -8.32
CA SER A 33 -2.59 2.66 -8.40
C SER A 33 -3.55 2.46 -7.21
N LEU A 34 -3.43 3.25 -6.14
CA LEU A 34 -4.36 3.31 -5.01
C LEU A 34 -5.37 4.47 -5.13
N TYR A 35 -5.10 5.45 -5.99
CA TYR A 35 -5.90 6.66 -6.23
C TYR A 35 -6.85 6.52 -7.46
N SER A 36 -6.33 6.07 -8.60
CA SER A 36 -7.06 6.03 -9.88
C SER A 36 -6.74 4.79 -10.76
N GLY A 37 -5.61 4.11 -10.52
CA GLY A 37 -5.35 2.81 -11.14
C GLY A 37 -6.16 1.72 -10.44
N ASP A 38 -6.18 0.53 -11.04
CA ASP A 38 -6.95 -0.61 -10.54
C ASP A 38 -6.25 -1.26 -9.31
N PRO A 39 -7.00 -1.67 -8.25
CA PRO A 39 -6.43 -2.20 -7.01
C PRO A 39 -5.78 -3.59 -7.14
N GLN A 40 -5.74 -4.19 -8.33
CA GLN A 40 -5.03 -5.44 -8.63
C GLN A 40 -3.78 -5.20 -9.51
N ASP A 41 -3.42 -3.94 -9.78
CA ASP A 41 -2.16 -3.55 -10.41
C ASP A 41 -0.96 -3.95 -9.52
N GLN A 42 0.19 -4.23 -10.14
CA GLN A 42 1.43 -4.64 -9.46
C GLN A 42 1.81 -3.75 -8.26
N LEU A 43 1.58 -2.43 -8.33
CA LEU A 43 1.94 -1.51 -7.24
C LEU A 43 0.90 -1.54 -6.10
N ALA A 44 -0.38 -1.69 -6.42
CA ALA A 44 -1.44 -1.92 -5.43
C ALA A 44 -1.28 -3.29 -4.76
N VAL A 45 -0.89 -4.32 -5.53
CA VAL A 45 -0.55 -5.66 -5.04
C VAL A 45 0.69 -5.61 -4.13
N ALA A 46 1.75 -4.86 -4.50
CA ALA A 46 2.92 -4.63 -3.63
C ALA A 46 2.52 -4.02 -2.28
N TYR A 47 1.73 -2.92 -2.31
CA TYR A 47 1.14 -2.34 -1.11
C TYR A 47 0.33 -3.38 -0.29
N HIS A 48 -0.55 -4.16 -0.93
CA HIS A 48 -1.39 -5.15 -0.25
C HIS A 48 -0.54 -6.25 0.44
N LEU A 49 0.46 -6.81 -0.25
CA LEU A 49 1.38 -7.82 0.29
C LEU A 49 2.20 -7.28 1.46
N ILE A 50 2.58 -6.00 1.42
CA ILE A 50 3.29 -5.32 2.53
C ILE A 50 2.34 -5.06 3.71
N ILE A 51 1.09 -4.71 3.47
CA ILE A 51 0.04 -4.63 4.50
C ILE A 51 -0.20 -6.02 5.15
N ASP A 52 -0.24 -7.09 4.36
CA ASP A 52 -0.38 -8.45 4.87
C ASP A 52 0.81 -8.85 5.76
N ASN A 53 2.05 -8.57 5.32
CA ASN A 53 3.23 -8.76 6.16
C ASN A 53 3.13 -7.94 7.46
N ARG A 54 2.90 -6.63 7.34
CA ARG A 54 2.79 -5.65 8.44
C ARG A 54 1.74 -6.00 9.50
N ARG A 55 0.51 -6.28 9.06
CA ARG A 55 -0.67 -6.45 9.94
C ARG A 55 -0.99 -7.92 10.27
N ILE A 56 -0.79 -8.85 9.34
CA ILE A 56 -1.17 -10.27 9.50
C ILE A 56 0.04 -11.17 9.87
N MET A 57 1.27 -10.78 9.47
CA MET A 57 2.60 -11.41 9.61
C MET A 57 3.16 -11.86 8.25
N ASN A 58 2.28 -12.20 7.31
CA ASN A 58 2.60 -12.71 5.96
C ASN A 58 1.38 -12.68 5.02
N GLN A 59 1.64 -12.74 3.71
CA GLN A 59 0.59 -12.94 2.69
C GLN A 59 -0.02 -14.35 2.80
N ALA A 60 -1.30 -14.50 2.42
CA ALA A 60 -2.06 -15.75 2.60
C ALA A 60 -1.73 -16.84 1.56
N SER A 61 -1.14 -16.47 0.43
CA SER A 61 -0.80 -17.34 -0.71
C SER A 61 0.19 -16.65 -1.68
N GLU A 62 0.87 -17.43 -2.53
CA GLU A 62 1.84 -16.97 -3.54
C GLU A 62 1.19 -16.62 -4.89
N GLY A 1 -15.48 11.72 1.66
CA GLY A 1 -16.42 10.82 2.38
C GLY A 1 -15.69 9.75 3.19
N PRO A 2 -16.27 9.27 4.31
CA PRO A 2 -15.61 8.39 5.27
C PRO A 2 -15.40 6.95 4.78
N HIS A 3 -16.16 6.48 3.77
CA HIS A 3 -16.04 5.11 3.24
C HIS A 3 -14.67 4.84 2.61
N MET A 4 -13.90 5.88 2.25
CA MET A 4 -12.50 5.75 1.79
C MET A 4 -11.54 5.22 2.88
N SER A 5 -12.01 5.12 4.13
CA SER A 5 -11.29 4.43 5.23
C SER A 5 -11.33 2.89 5.08
N TYR A 6 -12.23 2.37 4.24
CA TYR A 6 -12.52 0.94 4.06
C TYR A 6 -12.50 0.46 2.59
N ASP A 7 -12.79 1.36 1.64
CA ASP A 7 -12.70 1.12 0.19
C ASP A 7 -11.26 0.84 -0.26
N ALA A 8 -11.10 0.07 -1.35
CA ALA A 8 -9.81 -0.34 -1.89
C ALA A 8 -8.85 0.82 -2.23
N ASN A 9 -9.34 2.05 -2.38
CA ASN A 9 -8.52 3.25 -2.54
C ASN A 9 -7.75 3.68 -1.27
N VAL A 10 -8.04 3.09 -0.10
CA VAL A 10 -7.36 3.33 1.18
C VAL A 10 -5.84 3.12 1.08
N ILE A 11 -5.06 3.90 1.83
CA ILE A 11 -3.59 3.82 1.89
C ILE A 11 -3.07 3.99 3.33
N ASP A 12 -1.78 3.69 3.55
CA ASP A 12 -1.06 3.96 4.80
C ASP A 12 0.35 4.47 4.48
N ASP A 13 0.75 5.60 5.08
CA ASP A 13 2.07 6.20 4.89
C ASP A 13 3.22 5.27 5.30
N GLU A 14 3.00 4.39 6.29
CA GLU A 14 3.98 3.37 6.69
C GLU A 14 4.13 2.30 5.61
N ALA A 15 3.02 1.82 5.03
CA ALA A 15 3.06 0.86 3.94
C ALA A 15 3.67 1.49 2.68
N VAL A 16 3.29 2.72 2.31
CA VAL A 16 3.89 3.45 1.16
C VAL A 16 5.42 3.60 1.34
N LYS A 17 5.88 3.98 2.54
CA LYS A 17 7.31 4.03 2.89
C LYS A 17 8.00 2.66 2.72
N GLU A 18 7.38 1.58 3.21
CA GLU A 18 7.90 0.22 3.03
C GLU A 18 7.90 -0.21 1.55
N VAL A 19 6.80 -0.02 0.80
CA VAL A 19 6.71 -0.32 -0.65
C VAL A 19 7.80 0.39 -1.44
N CYS A 20 8.15 1.63 -1.07
CA CYS A 20 9.21 2.39 -1.73
C CYS A 20 10.59 1.70 -1.67
N GLU A 21 10.91 1.00 -0.57
CA GLU A 21 12.14 0.23 -0.41
C GLU A 21 11.98 -1.22 -0.92
N LYS A 22 10.95 -1.93 -0.45
CA LYS A 22 10.70 -3.35 -0.70
C LYS A 22 10.41 -3.66 -2.19
N PHE A 23 9.65 -2.78 -2.86
CA PHE A 23 9.26 -2.90 -4.28
C PHE A 23 10.05 -1.97 -5.22
N GLU A 24 10.95 -1.12 -4.69
CA GLU A 24 11.92 -0.31 -5.44
C GLU A 24 11.29 0.73 -6.38
N CYS A 25 10.07 1.19 -6.06
CA CYS A 25 9.28 2.18 -6.81
C CYS A 25 9.15 3.50 -6.03
N THR A 26 8.73 4.60 -6.69
CA THR A 26 8.49 5.89 -6.02
C THR A 26 7.17 5.87 -5.26
N GLU A 27 7.08 6.64 -4.18
CA GLU A 27 5.88 6.73 -3.33
C GLU A 27 4.64 7.12 -4.16
N SER A 28 4.79 8.11 -5.04
CA SER A 28 3.73 8.58 -5.95
C SER A 28 3.18 7.49 -6.88
N GLU A 29 3.98 6.48 -7.25
CA GLU A 29 3.51 5.33 -8.03
C GLU A 29 2.64 4.39 -7.18
N VAL A 30 2.95 4.23 -5.89
CA VAL A 30 2.13 3.45 -4.94
C VAL A 30 0.76 4.11 -4.76
N MET A 31 0.74 5.45 -4.67
CA MET A 31 -0.49 6.24 -4.64
C MET A 31 -1.27 6.14 -5.96
N ASN A 32 -0.62 6.28 -7.12
CA ASN A 32 -1.25 6.31 -8.44
C ASN A 32 -2.20 5.12 -8.66
N SER A 33 -1.72 3.88 -8.52
CA SER A 33 -2.55 2.69 -8.80
C SER A 33 -3.70 2.46 -7.81
N LEU A 34 -3.69 3.14 -6.66
CA LEU A 34 -4.78 3.14 -5.68
C LEU A 34 -5.73 4.34 -5.86
N TYR A 35 -5.27 5.42 -6.48
CA TYR A 35 -6.02 6.68 -6.67
C TYR A 35 -6.72 6.78 -8.04
N SER A 36 -6.02 6.41 -9.11
CA SER A 36 -6.46 6.61 -10.51
C SER A 36 -6.21 5.40 -11.44
N GLY A 37 -5.40 4.42 -11.03
CA GLY A 37 -5.24 3.13 -11.71
C GLY A 37 -6.31 2.13 -11.25
N ASP A 38 -5.89 0.90 -10.94
CA ASP A 38 -6.75 -0.18 -10.47
C ASP A 38 -6.06 -1.01 -9.36
N PRO A 39 -6.77 -1.43 -8.28
CA PRO A 39 -6.22 -2.23 -7.18
C PRO A 39 -5.55 -3.57 -7.55
N GLN A 40 -5.73 -4.09 -8.77
CA GLN A 40 -5.08 -5.33 -9.24
C GLN A 40 -3.72 -5.08 -9.94
N ASP A 41 -3.31 -3.81 -10.11
CA ASP A 41 -1.99 -3.43 -10.62
C ASP A 41 -0.85 -3.79 -9.63
N GLN A 42 0.34 -4.05 -10.17
CA GLN A 42 1.54 -4.47 -9.41
C GLN A 42 1.87 -3.54 -8.22
N LEU A 43 1.71 -2.21 -8.35
CA LEU A 43 1.98 -1.25 -7.26
C LEU A 43 0.93 -1.33 -6.14
N ALA A 44 -0.34 -1.55 -6.50
CA ALA A 44 -1.43 -1.79 -5.54
C ALA A 44 -1.32 -3.17 -4.88
N VAL A 45 -0.93 -4.20 -5.65
CA VAL A 45 -0.63 -5.55 -5.16
C VAL A 45 0.57 -5.51 -4.19
N ALA A 46 1.65 -4.79 -4.49
CA ALA A 46 2.77 -4.56 -3.57
C ALA A 46 2.30 -3.94 -2.25
N TYR A 47 1.52 -2.85 -2.31
CA TYR A 47 0.87 -2.25 -1.13
C TYR A 47 0.05 -3.28 -0.33
N HIS A 48 -0.81 -4.06 -0.98
CA HIS A 48 -1.65 -5.06 -0.30
C HIS A 48 -0.80 -6.14 0.41
N LEU A 49 0.21 -6.70 -0.28
CA LEU A 49 1.11 -7.73 0.24
C LEU A 49 2.00 -7.19 1.39
N ILE A 50 2.37 -5.91 1.36
CA ILE A 50 3.17 -5.26 2.41
C ILE A 50 2.30 -4.88 3.62
N ILE A 51 1.04 -4.48 3.41
CA ILE A 51 0.03 -4.30 4.48
C ILE A 51 -0.20 -5.65 5.18
N ASP A 52 -0.36 -6.75 4.43
CA ASP A 52 -0.48 -8.09 5.01
C ASP A 52 0.80 -8.52 5.74
N ASN A 53 1.98 -8.29 5.16
CA ASN A 53 3.26 -8.61 5.79
C ASN A 53 3.40 -7.89 7.16
N ARG A 54 3.03 -6.60 7.20
CA ARG A 54 2.96 -5.75 8.39
C ARG A 54 1.91 -6.22 9.42
N ARG A 55 0.70 -6.57 8.97
CA ARG A 55 -0.46 -6.88 9.82
C ARG A 55 -0.44 -8.32 10.36
N ILE A 56 -0.12 -9.31 9.52
CA ILE A 56 -0.02 -10.73 9.90
C ILE A 56 1.32 -11.04 10.59
N MET A 57 2.37 -10.29 10.26
CA MET A 57 3.76 -10.35 10.80
C MET A 57 4.54 -11.45 10.06
N ASN A 58 4.53 -11.34 8.72
CA ASN A 58 5.00 -12.28 7.69
C ASN A 58 3.97 -13.39 7.39
N GLN A 59 3.76 -13.65 6.09
CA GLN A 59 2.86 -14.67 5.58
C GLN A 59 3.46 -16.09 5.66
N ALA A 60 2.60 -17.11 5.64
CA ALA A 60 3.01 -18.52 5.62
C ALA A 60 3.54 -18.97 4.24
N SER A 61 4.28 -20.09 4.22
CA SER A 61 4.92 -20.62 3.00
C SER A 61 3.94 -21.29 2.00
N GLU A 62 2.70 -21.58 2.43
CA GLU A 62 1.65 -22.30 1.68
C GLU A 62 0.24 -22.12 2.29
N GLY A 1 -18.07 6.65 15.09
CA GLY A 1 -16.88 5.84 14.74
C GLY A 1 -15.93 6.55 13.78
N PRO A 2 -14.98 5.81 13.15
CA PRO A 2 -14.02 6.35 12.18
C PRO A 2 -14.69 6.92 10.92
N HIS A 3 -13.94 7.75 10.18
CA HIS A 3 -14.37 8.40 8.95
C HIS A 3 -13.16 8.78 8.06
N MET A 4 -13.38 8.95 6.74
CA MET A 4 -12.42 9.39 5.70
C MET A 4 -11.38 8.32 5.34
N SER A 5 -10.81 7.63 6.32
CA SER A 5 -9.73 6.64 6.17
C SER A 5 -10.06 5.45 5.23
N TYR A 6 -11.35 5.20 4.96
CA TYR A 6 -11.82 4.17 4.02
C TYR A 6 -11.69 4.57 2.53
N ASP A 7 -11.51 5.86 2.22
CA ASP A 7 -11.52 6.40 0.86
C ASP A 7 -10.11 6.47 0.24
N ALA A 8 -10.00 6.09 -1.04
CA ALA A 8 -8.74 6.01 -1.79
C ALA A 8 -7.94 7.34 -1.86
N ASN A 9 -8.59 8.49 -1.62
CA ASN A 9 -7.94 9.80 -1.51
C ASN A 9 -6.93 9.89 -0.33
N VAL A 10 -7.04 9.01 0.68
CA VAL A 10 -6.09 8.90 1.79
C VAL A 10 -5.56 7.47 1.93
N ILE A 11 -4.32 7.34 2.45
CA ILE A 11 -3.56 6.09 2.50
C ILE A 11 -2.65 6.04 3.75
N ASP A 12 -2.07 4.87 4.07
CA ASP A 12 -1.07 4.77 5.14
C ASP A 12 0.32 5.12 4.60
N ASP A 13 0.88 6.22 5.11
CA ASP A 13 2.23 6.67 4.80
C ASP A 13 3.29 5.62 5.15
N GLU A 14 3.06 4.79 6.18
CA GLU A 14 3.98 3.71 6.56
C GLU A 14 3.92 2.53 5.59
N ALA A 15 2.73 2.16 5.11
CA ALA A 15 2.59 1.16 4.04
C ALA A 15 3.31 1.64 2.76
N VAL A 16 3.00 2.84 2.30
CA VAL A 16 3.60 3.38 1.06
C VAL A 16 5.12 3.56 1.20
N LYS A 17 5.63 3.98 2.37
CA LYS A 17 7.06 3.98 2.70
C LYS A 17 7.69 2.59 2.57
N GLU A 18 7.09 1.56 3.18
CA GLU A 18 7.56 0.18 3.02
C GLU A 18 7.51 -0.26 1.54
N VAL A 19 6.38 -0.10 0.85
CA VAL A 19 6.21 -0.50 -0.58
C VAL A 19 7.29 0.12 -1.47
N CYS A 20 7.60 1.41 -1.28
CA CYS A 20 8.60 2.14 -2.06
C CYS A 20 9.96 1.43 -2.09
N GLU A 21 10.51 1.05 -0.94
CA GLU A 21 11.85 0.43 -0.85
C GLU A 21 11.83 -1.12 -0.90
N LYS A 22 10.75 -1.77 -0.43
CA LYS A 22 10.60 -3.24 -0.48
C LYS A 22 10.37 -3.73 -1.93
N PHE A 23 9.51 -3.04 -2.68
CA PHE A 23 9.15 -3.38 -4.06
C PHE A 23 10.00 -2.66 -5.12
N GLU A 24 10.74 -1.60 -4.73
CA GLU A 24 11.67 -0.82 -5.55
C GLU A 24 10.93 0.07 -6.57
N CYS A 25 10.27 1.11 -6.07
CA CYS A 25 9.50 2.10 -6.84
C CYS A 25 9.60 3.51 -6.21
N THR A 26 8.53 4.33 -6.29
CA THR A 26 8.39 5.63 -5.63
C THR A 26 7.01 5.76 -4.98
N GLU A 27 6.93 6.51 -3.89
CA GLU A 27 5.70 6.76 -3.14
C GLU A 27 4.61 7.32 -4.05
N SER A 28 4.94 8.27 -4.93
CA SER A 28 4.00 8.89 -5.86
C SER A 28 3.39 7.87 -6.85
N GLU A 29 4.20 6.97 -7.42
CA GLU A 29 3.70 5.93 -8.33
C GLU A 29 2.87 4.88 -7.58
N VAL A 30 3.27 4.51 -6.36
CA VAL A 30 2.50 3.61 -5.49
C VAL A 30 1.12 4.24 -5.15
N MET A 31 1.07 5.51 -4.76
CA MET A 31 -0.18 6.23 -4.53
C MET A 31 -1.03 6.33 -5.81
N ASN A 32 -0.44 6.59 -6.98
CA ASN A 32 -1.17 6.64 -8.25
C ASN A 32 -1.95 5.35 -8.52
N SER A 33 -1.34 4.17 -8.47
CA SER A 33 -2.09 2.92 -8.72
C SER A 33 -3.20 2.63 -7.68
N LEU A 34 -3.14 3.23 -6.49
CA LEU A 34 -4.15 3.10 -5.43
C LEU A 34 -5.31 4.11 -5.59
N TYR A 35 -5.07 5.25 -6.25
CA TYR A 35 -6.03 6.37 -6.36
C TYR A 35 -6.59 6.58 -7.79
N SER A 36 -5.72 6.56 -8.81
CA SER A 36 -6.03 6.92 -10.20
C SER A 36 -5.78 5.79 -11.23
N GLY A 37 -5.00 4.76 -10.87
CA GLY A 37 -4.83 3.53 -11.65
C GLY A 37 -5.92 2.51 -11.31
N ASP A 38 -5.51 1.29 -10.96
CA ASP A 38 -6.42 0.20 -10.56
C ASP A 38 -5.75 -0.70 -9.49
N PRO A 39 -6.50 -1.18 -8.46
CA PRO A 39 -5.99 -2.06 -7.40
C PRO A 39 -5.31 -3.37 -7.85
N GLN A 40 -5.46 -3.76 -9.11
CA GLN A 40 -4.87 -4.99 -9.68
C GLN A 40 -3.45 -4.76 -10.26
N ASP A 41 -2.99 -3.51 -10.34
CA ASP A 41 -1.63 -3.16 -10.71
C ASP A 41 -0.59 -3.66 -9.69
N GLN A 42 0.62 -3.97 -10.17
CA GLN A 42 1.71 -4.52 -9.35
C GLN A 42 2.04 -3.66 -8.12
N LEU A 43 1.95 -2.32 -8.20
CA LEU A 43 2.22 -1.45 -7.05
C LEU A 43 1.09 -1.48 -6.00
N ALA A 44 -0.16 -1.66 -6.44
CA ALA A 44 -1.30 -1.85 -5.54
C ALA A 44 -1.34 -3.27 -4.96
N VAL A 45 -0.96 -4.28 -5.75
CA VAL A 45 -0.73 -5.66 -5.28
C VAL A 45 0.40 -5.68 -4.24
N ALA A 46 1.52 -5.00 -4.48
CA ALA A 46 2.59 -4.82 -3.51
C ALA A 46 2.07 -4.19 -2.21
N TYR A 47 1.33 -3.08 -2.28
CA TYR A 47 0.66 -2.46 -1.13
C TYR A 47 -0.22 -3.45 -0.34
N HIS A 48 -1.07 -4.23 -1.01
CA HIS A 48 -1.90 -5.25 -0.35
C HIS A 48 -1.06 -6.33 0.37
N LEU A 49 -0.08 -6.92 -0.32
CA LEU A 49 0.81 -7.97 0.22
C LEU A 49 1.71 -7.45 1.34
N ILE A 50 2.24 -6.22 1.22
CA ILE A 50 3.13 -5.61 2.22
C ILE A 50 2.34 -5.19 3.48
N ILE A 51 1.08 -4.79 3.36
CA ILE A 51 0.20 -4.59 4.53
C ILE A 51 -0.09 -5.93 5.23
N ASP A 52 -0.34 -7.01 4.50
CA ASP A 52 -0.51 -8.35 5.08
C ASP A 52 0.74 -8.82 5.84
N ASN A 53 1.93 -8.58 5.31
CA ASN A 53 3.20 -8.78 6.01
C ASN A 53 3.29 -7.90 7.26
N ARG A 54 3.15 -6.56 7.12
CA ARG A 54 3.18 -5.58 8.22
C ARG A 54 2.23 -5.93 9.38
N ARG A 55 1.04 -6.44 9.06
CA ARG A 55 -0.02 -6.81 10.02
C ARG A 55 0.16 -8.22 10.63
N ILE A 56 0.32 -9.26 9.80
CA ILE A 56 0.27 -10.68 10.24
C ILE A 56 1.66 -11.32 10.37
N MET A 57 2.55 -11.07 9.42
CA MET A 57 3.85 -11.77 9.28
C MET A 57 5.01 -10.81 9.01
N ASN A 58 5.38 -10.03 10.05
CA ASN A 58 6.39 -8.97 9.96
C ASN A 58 7.79 -9.53 9.59
N GLN A 59 8.46 -8.91 8.62
CA GLN A 59 9.81 -9.30 8.17
C GLN A 59 10.93 -8.63 9.01
N ALA A 60 10.65 -7.49 9.66
CA ALA A 60 11.66 -6.72 10.40
C ALA A 60 12.07 -7.34 11.75
N SER A 61 11.26 -8.24 12.29
CA SER A 61 11.49 -8.94 13.57
C SER A 61 12.26 -10.27 13.43
N GLU A 62 12.55 -10.72 12.20
CA GLU A 62 13.27 -11.97 11.89
C GLU A 62 14.80 -11.90 12.13
N GLY A 1 -12.90 19.48 11.21
CA GLY A 1 -12.21 20.03 10.02
C GLY A 1 -12.29 19.11 8.80
N PRO A 2 -11.81 19.58 7.63
CA PRO A 2 -11.82 18.81 6.38
C PRO A 2 -10.75 17.70 6.38
N HIS A 3 -10.92 16.72 5.48
CA HIS A 3 -9.97 15.61 5.30
C HIS A 3 -8.76 16.02 4.42
N MET A 4 -7.55 15.58 4.80
CA MET A 4 -6.34 15.69 3.96
C MET A 4 -6.35 14.57 2.90
N SER A 5 -5.63 14.73 1.79
CA SER A 5 -5.72 13.84 0.63
C SER A 5 -5.49 12.35 0.94
N TYR A 6 -4.53 12.04 1.82
CA TYR A 6 -4.24 10.66 2.25
C TYR A 6 -5.37 10.06 3.12
N ASP A 7 -6.04 10.87 3.94
CA ASP A 7 -7.16 10.47 4.81
C ASP A 7 -8.50 10.42 4.07
N ALA A 8 -8.65 11.24 3.02
CA ALA A 8 -9.77 11.18 2.08
C ALA A 8 -9.69 9.88 1.24
N ASN A 9 -8.48 9.48 0.83
CA ASN A 9 -8.21 8.20 0.17
C ASN A 9 -8.29 7.01 1.14
N VAL A 10 -7.81 7.18 2.38
CA VAL A 10 -7.73 6.22 3.49
C VAL A 10 -6.61 5.22 3.21
N ILE A 11 -5.41 5.51 3.74
CA ILE A 11 -4.17 4.79 3.41
C ILE A 11 -3.20 4.73 4.59
N ASP A 12 -2.43 3.64 4.70
CA ASP A 12 -1.30 3.50 5.63
C ASP A 12 -0.05 4.08 4.97
N ASP A 13 0.32 5.31 5.36
CA ASP A 13 1.50 6.01 4.82
C ASP A 13 2.82 5.28 5.14
N GLU A 14 2.88 4.60 6.28
CA GLU A 14 3.99 3.70 6.65
C GLU A 14 4.08 2.52 5.66
N ALA A 15 2.95 1.95 5.23
CA ALA A 15 2.94 0.91 4.19
C ALA A 15 3.38 1.50 2.84
N VAL A 16 2.94 2.71 2.47
CA VAL A 16 3.39 3.37 1.21
C VAL A 16 4.92 3.50 1.20
N LYS A 17 5.53 3.96 2.30
CA LYS A 17 6.98 3.99 2.47
C LYS A 17 7.59 2.57 2.37
N GLU A 18 6.98 1.57 3.01
CA GLU A 18 7.42 0.18 2.91
C GLU A 18 7.37 -0.35 1.47
N VAL A 19 6.32 -0.08 0.67
CA VAL A 19 6.32 -0.46 -0.76
C VAL A 19 7.45 0.22 -1.52
N CYS A 20 7.71 1.51 -1.29
CA CYS A 20 8.82 2.24 -1.89
C CYS A 20 10.18 1.52 -1.66
N GLU A 21 10.52 1.21 -0.41
CA GLU A 21 11.83 0.61 -0.06
C GLU A 21 11.91 -0.91 -0.29
N LYS A 22 10.83 -1.67 -0.07
CA LYS A 22 10.83 -3.14 -0.15
C LYS A 22 10.60 -3.64 -1.59
N PHE A 23 9.64 -3.04 -2.30
CA PHE A 23 9.34 -3.35 -3.71
C PHE A 23 10.22 -2.61 -4.72
N GLU A 24 10.97 -1.59 -4.27
CA GLU A 24 11.97 -0.83 -5.05
C GLU A 24 11.31 0.00 -6.17
N CYS A 25 10.61 1.06 -5.75
CA CYS A 25 9.74 1.91 -6.58
C CYS A 25 9.49 3.28 -5.89
N THR A 26 8.85 4.26 -6.53
CA THR A 26 8.58 5.57 -5.88
C THR A 26 7.23 5.60 -5.19
N GLU A 27 7.14 6.38 -4.11
CA GLU A 27 5.88 6.60 -3.38
C GLU A 27 4.80 7.19 -4.30
N SER A 28 5.17 8.07 -5.24
CA SER A 28 4.25 8.66 -6.22
C SER A 28 3.65 7.60 -7.17
N GLU A 29 4.45 6.62 -7.62
CA GLU A 29 3.96 5.51 -8.44
C GLU A 29 3.06 4.57 -7.62
N VAL A 30 3.42 4.28 -6.36
CA VAL A 30 2.60 3.47 -5.43
C VAL A 30 1.25 4.13 -5.18
N MET A 31 1.23 5.43 -4.85
CA MET A 31 -0.01 6.18 -4.62
C MET A 31 -0.89 6.29 -5.87
N ASN A 32 -0.34 6.40 -7.08
CA ASN A 32 -1.13 6.56 -8.30
C ASN A 32 -2.23 5.47 -8.44
N SER A 33 -1.86 4.19 -8.42
CA SER A 33 -2.82 3.08 -8.56
C SER A 33 -3.82 3.01 -7.39
N LEU A 34 -3.44 3.51 -6.21
CA LEU A 34 -4.26 3.54 -4.99
C LEU A 34 -5.20 4.75 -4.97
N TYR A 35 -4.89 5.81 -5.72
CA TYR A 35 -5.76 6.98 -5.95
C TYR A 35 -6.75 6.70 -7.09
N SER A 36 -6.30 6.06 -8.17
CA SER A 36 -7.18 5.55 -9.24
C SER A 36 -8.09 4.42 -8.75
N GLY A 37 -7.62 3.62 -7.78
CA GLY A 37 -8.40 2.60 -7.08
C GLY A 37 -8.41 1.24 -7.78
N ASP A 38 -7.31 0.89 -8.46
CA ASP A 38 -7.14 -0.37 -9.18
C ASP A 38 -6.32 -1.38 -8.34
N PRO A 39 -6.92 -2.44 -7.77
CA PRO A 39 -6.24 -3.43 -6.94
C PRO A 39 -5.45 -4.47 -7.75
N GLN A 40 -5.57 -4.50 -9.09
CA GLN A 40 -4.93 -5.52 -9.95
C GLN A 40 -3.56 -5.07 -10.48
N ASP A 41 -3.20 -3.79 -10.33
CA ASP A 41 -1.90 -3.24 -10.67
C ASP A 41 -0.79 -3.76 -9.74
N GLN A 42 0.41 -4.00 -10.28
CA GLN A 42 1.52 -4.59 -9.53
C GLN A 42 1.92 -3.80 -8.28
N LEU A 43 1.81 -2.46 -8.27
CA LEU A 43 2.11 -1.65 -7.07
C LEU A 43 0.97 -1.65 -6.06
N ALA A 44 -0.29 -1.83 -6.50
CA ALA A 44 -1.42 -2.07 -5.60
C ALA A 44 -1.39 -3.49 -5.02
N VAL A 45 -0.99 -4.49 -5.81
CA VAL A 45 -0.71 -5.86 -5.36
C VAL A 45 0.43 -5.83 -4.34
N ALA A 46 1.56 -5.17 -4.63
CA ALA A 46 2.63 -4.93 -3.67
C ALA A 46 2.11 -4.29 -2.38
N TYR A 47 1.29 -3.24 -2.48
CA TYR A 47 0.68 -2.57 -1.34
C TYR A 47 -0.19 -3.51 -0.48
N HIS A 48 -1.03 -4.35 -1.09
CA HIS A 48 -1.81 -5.37 -0.36
C HIS A 48 -0.90 -6.38 0.36
N LEU A 49 0.05 -6.98 -0.37
CA LEU A 49 1.02 -7.95 0.14
C LEU A 49 1.90 -7.36 1.26
N ILE A 50 2.22 -6.07 1.19
CA ILE A 50 2.99 -5.35 2.20
C ILE A 50 2.14 -4.96 3.42
N ILE A 51 0.84 -4.70 3.27
CA ILE A 51 -0.08 -4.57 4.43
C ILE A 51 -0.22 -5.93 5.13
N ASP A 52 -0.30 -7.03 4.38
CA ASP A 52 -0.25 -8.39 4.94
C ASP A 52 1.07 -8.63 5.69
N ASN A 53 2.23 -8.24 5.15
CA ASN A 53 3.50 -8.29 5.88
C ASN A 53 3.44 -7.47 7.19
N ARG A 54 3.11 -6.18 7.08
CA ARG A 54 3.02 -5.18 8.17
C ARG A 54 2.10 -5.61 9.33
N ARG A 55 0.97 -6.25 9.04
CA ARG A 55 -0.04 -6.66 10.04
C ARG A 55 0.03 -8.14 10.46
N ILE A 56 0.38 -9.06 9.55
CA ILE A 56 0.46 -10.52 9.84
C ILE A 56 1.89 -10.95 10.17
N MET A 57 2.86 -10.73 9.29
CA MET A 57 4.24 -11.24 9.46
C MET A 57 4.98 -10.52 10.60
N ASN A 58 4.56 -9.30 10.94
CA ASN A 58 5.02 -8.58 12.13
C ASN A 58 4.56 -9.24 13.46
N GLN A 59 3.41 -9.94 13.45
CA GLN A 59 2.79 -10.56 14.62
C GLN A 59 3.11 -12.06 14.73
N ALA A 60 3.20 -12.77 13.61
CA ALA A 60 3.49 -14.21 13.55
C ALA A 60 4.92 -14.55 14.07
N SER A 61 5.05 -15.68 14.75
CA SER A 61 6.31 -16.14 15.36
C SER A 61 7.21 -16.96 14.41
N GLU A 62 6.69 -17.40 13.26
CA GLU A 62 7.36 -18.25 12.24
C GLU A 62 6.62 -18.26 10.89
N GLY A 1 -26.50 9.65 -4.72
CA GLY A 1 -26.37 9.99 -3.28
C GLY A 1 -25.04 10.68 -2.96
N PRO A 2 -24.87 11.20 -1.73
CA PRO A 2 -23.67 11.93 -1.31
C PRO A 2 -22.46 11.00 -1.19
N HIS A 3 -21.27 11.53 -1.46
CA HIS A 3 -20.00 10.81 -1.54
C HIS A 3 -18.79 11.77 -1.55
N MET A 4 -17.57 11.23 -1.36
CA MET A 4 -16.31 11.98 -1.34
C MET A 4 -15.19 11.22 -2.08
N SER A 5 -14.19 11.95 -2.57
CA SER A 5 -12.95 11.39 -3.15
C SER A 5 -11.99 10.83 -2.09
N TYR A 6 -12.22 11.13 -0.80
CA TYR A 6 -11.40 10.68 0.33
C TYR A 6 -11.23 9.14 0.38
N ASP A 7 -12.27 8.38 0.02
CA ASP A 7 -12.26 6.91 0.00
C ASP A 7 -11.23 6.33 -1.00
N ALA A 8 -10.90 7.06 -2.06
CA ALA A 8 -9.80 6.73 -2.98
C ALA A 8 -8.47 7.36 -2.52
N ASN A 9 -8.50 8.59 -2.00
CA ASN A 9 -7.30 9.35 -1.62
C ASN A 9 -6.61 8.82 -0.34
N VAL A 10 -7.38 8.28 0.62
CA VAL A 10 -6.85 7.76 1.90
C VAL A 10 -5.90 6.56 1.67
N ILE A 11 -4.74 6.60 2.33
CA ILE A 11 -3.60 5.68 2.11
C ILE A 11 -2.85 5.43 3.43
N ASP A 12 -2.19 4.27 3.55
CA ASP A 12 -1.25 4.02 4.65
C ASP A 12 0.14 4.56 4.28
N ASP A 13 0.58 5.59 5.00
CA ASP A 13 1.89 6.19 4.79
C ASP A 13 3.02 5.19 5.04
N GLU A 14 2.87 4.28 6.00
CA GLU A 14 3.88 3.25 6.27
C GLU A 14 3.95 2.18 5.18
N ALA A 15 2.82 1.77 4.60
CA ALA A 15 2.83 0.90 3.43
C ALA A 15 3.47 1.60 2.22
N VAL A 16 3.05 2.82 1.90
CA VAL A 16 3.59 3.57 0.74
C VAL A 16 5.11 3.81 0.88
N LYS A 17 5.59 4.21 2.06
CA LYS A 17 7.02 4.33 2.38
C LYS A 17 7.76 2.99 2.28
N GLU A 18 7.18 1.89 2.78
CA GLU A 18 7.74 0.54 2.60
C GLU A 18 7.83 0.16 1.12
N VAL A 19 6.73 0.24 0.35
CA VAL A 19 6.68 -0.20 -1.06
C VAL A 19 7.82 0.41 -1.90
N CYS A 20 8.18 1.68 -1.65
CA CYS A 20 9.30 2.37 -2.30
C CYS A 20 10.61 1.55 -2.23
N GLU A 21 11.02 1.10 -1.05
CA GLU A 21 12.28 0.37 -0.84
C GLU A 21 12.13 -1.16 -0.90
N LYS A 22 10.98 -1.69 -0.43
CA LYS A 22 10.69 -3.13 -0.36
C LYS A 22 10.40 -3.73 -1.75
N PHE A 23 9.66 -3.00 -2.59
CA PHE A 23 9.30 -3.39 -3.96
C PHE A 23 10.18 -2.74 -5.04
N GLU A 24 10.95 -1.70 -4.69
CA GLU A 24 11.90 -0.97 -5.56
C GLU A 24 11.17 -0.14 -6.62
N CYS A 25 10.58 0.99 -6.18
CA CYS A 25 9.82 1.94 -7.01
C CYS A 25 9.81 3.34 -6.37
N THR A 26 9.12 4.31 -6.99
CA THR A 26 8.84 5.64 -6.40
C THR A 26 7.49 5.61 -5.69
N GLU A 27 7.40 6.29 -4.56
CA GLU A 27 6.24 6.18 -3.65
C GLU A 27 4.95 6.73 -4.28
N SER A 28 5.05 7.87 -4.98
CA SER A 28 3.92 8.57 -5.60
C SER A 28 3.24 7.72 -6.70
N GLU A 29 3.96 6.80 -7.36
CA GLU A 29 3.37 5.86 -8.31
C GLU A 29 2.52 4.78 -7.61
N VAL A 30 2.89 4.41 -6.37
CA VAL A 30 2.12 3.47 -5.54
C VAL A 30 0.77 4.09 -5.17
N MET A 31 0.79 5.36 -4.73
CA MET A 31 -0.41 6.14 -4.46
C MET A 31 -1.28 6.28 -5.72
N ASN A 32 -0.67 6.60 -6.87
CA ASN A 32 -1.37 6.76 -8.14
C ASN A 32 -2.21 5.52 -8.51
N SER A 33 -1.64 4.32 -8.52
CA SER A 33 -2.40 3.11 -8.89
C SER A 33 -3.49 2.71 -7.88
N LEU A 34 -3.45 3.23 -6.65
CA LEU A 34 -4.49 3.06 -5.64
C LEU A 34 -5.59 4.14 -5.74
N TYR A 35 -5.25 5.32 -6.31
CA TYR A 35 -6.14 6.48 -6.39
C TYR A 35 -6.87 6.59 -7.74
N SER A 36 -6.14 6.53 -8.86
CA SER A 36 -6.64 6.80 -10.22
C SER A 36 -6.39 5.67 -11.22
N GLY A 37 -5.53 4.69 -10.88
CA GLY A 37 -5.34 3.45 -11.63
C GLY A 37 -6.33 2.37 -11.18
N ASP A 38 -5.83 1.16 -10.95
CA ASP A 38 -6.62 0.01 -10.48
C ASP A 38 -5.82 -0.84 -9.45
N PRO A 39 -6.44 -1.30 -8.33
CA PRO A 39 -5.77 -2.07 -7.28
C PRO A 39 -5.07 -3.38 -7.68
N GLN A 40 -5.26 -3.87 -8.91
CA GLN A 40 -4.60 -5.08 -9.43
C GLN A 40 -3.20 -4.77 -10.04
N ASP A 41 -2.80 -3.49 -10.07
CA ASP A 41 -1.46 -3.02 -10.41
C ASP A 41 -0.39 -3.58 -9.45
N GLN A 42 0.83 -3.84 -9.95
CA GLN A 42 1.93 -4.43 -9.18
C GLN A 42 2.28 -3.62 -7.92
N LEU A 43 2.24 -2.28 -7.96
CA LEU A 43 2.54 -1.44 -6.80
C LEU A 43 1.38 -1.45 -5.79
N ALA A 44 0.13 -1.48 -6.26
CA ALA A 44 -1.05 -1.65 -5.41
C ALA A 44 -1.08 -3.04 -4.74
N VAL A 45 -0.75 -4.08 -5.50
CA VAL A 45 -0.55 -5.44 -5.00
C VAL A 45 0.58 -5.48 -3.97
N ALA A 46 1.73 -4.82 -4.20
CA ALA A 46 2.79 -4.67 -3.21
C ALA A 46 2.29 -3.99 -1.92
N TYR A 47 1.58 -2.86 -2.04
CA TYR A 47 0.96 -2.15 -0.91
C TYR A 47 0.04 -3.07 -0.08
N HIS A 48 -0.86 -3.82 -0.73
CA HIS A 48 -1.72 -4.78 -0.05
C HIS A 48 -0.92 -5.93 0.63
N LEU A 49 0.07 -6.52 -0.06
CA LEU A 49 0.95 -7.56 0.48
C LEU A 49 1.80 -7.09 1.67
N ILE A 50 2.25 -5.83 1.65
CA ILE A 50 3.03 -5.23 2.74
C ILE A 50 2.14 -4.93 3.96
N ILE A 51 0.90 -4.48 3.76
CA ILE A 51 -0.10 -4.35 4.84
C ILE A 51 -0.42 -5.72 5.46
N ASP A 52 -0.60 -6.76 4.64
CA ASP A 52 -0.78 -8.14 5.10
C ASP A 52 0.44 -8.63 5.90
N ASN A 53 1.66 -8.51 5.37
CA ASN A 53 2.87 -8.99 6.05
C ASN A 53 3.11 -8.25 7.38
N ARG A 54 2.89 -6.93 7.45
CA ARG A 54 2.91 -6.17 8.72
C ARG A 54 1.87 -6.68 9.73
N ARG A 55 0.67 -7.00 9.25
CA ARG A 55 -0.45 -7.51 10.08
C ARG A 55 -0.22 -8.95 10.59
N ILE A 56 0.05 -9.91 9.70
CA ILE A 56 0.07 -11.36 10.05
C ILE A 56 1.45 -12.02 10.15
N MET A 57 2.51 -11.48 9.51
CA MET A 57 3.85 -12.09 9.51
C MET A 57 4.86 -11.39 10.43
N ASN A 58 4.58 -10.17 10.88
CA ASN A 58 5.52 -9.37 11.70
C ASN A 58 5.81 -10.00 13.09
N GLN A 59 4.82 -10.68 13.68
CA GLN A 59 4.87 -11.28 15.01
C GLN A 59 3.74 -12.32 15.16
N ALA A 60 3.99 -13.41 15.91
CA ALA A 60 3.01 -14.44 16.25
C ALA A 60 2.04 -13.97 17.37
N SER A 61 1.36 -12.85 17.13
CA SER A 61 0.46 -12.17 18.09
C SER A 61 -0.85 -12.95 18.37
N GLU A 62 -1.21 -13.93 17.53
CA GLU A 62 -2.44 -14.75 17.61
C GLU A 62 -2.26 -16.13 16.95
N GLY A 1 -22.23 13.72 -2.48
CA GLY A 1 -21.64 12.43 -2.92
C GLY A 1 -21.20 11.55 -1.74
N PRO A 2 -20.89 10.26 -1.99
CA PRO A 2 -20.47 9.29 -0.98
C PRO A 2 -19.03 9.51 -0.53
N HIS A 3 -18.67 8.95 0.64
CA HIS A 3 -17.31 9.03 1.19
C HIS A 3 -16.25 8.34 0.30
N MET A 4 -16.68 7.41 -0.57
CA MET A 4 -15.80 6.72 -1.53
C MET A 4 -15.16 7.66 -2.56
N SER A 5 -15.73 8.84 -2.79
CA SER A 5 -15.11 9.89 -3.61
C SER A 5 -13.87 10.54 -2.95
N TYR A 6 -13.74 10.45 -1.62
CA TYR A 6 -12.56 10.89 -0.86
C TYR A 6 -11.66 9.73 -0.42
N ASP A 7 -12.20 8.52 -0.22
CA ASP A 7 -11.50 7.34 0.28
C ASP A 7 -10.21 7.00 -0.51
N ALA A 8 -10.20 7.24 -1.82
CA ALA A 8 -9.04 7.06 -2.70
C ALA A 8 -7.78 7.84 -2.23
N ASN A 9 -7.97 8.96 -1.51
CA ASN A 9 -6.89 9.75 -0.91
C ASN A 9 -6.38 9.19 0.44
N VAL A 10 -7.16 8.31 1.10
CA VAL A 10 -6.85 7.76 2.43
C VAL A 10 -5.95 6.53 2.28
N ILE A 11 -4.79 6.54 2.94
CA ILE A 11 -3.71 5.54 2.78
C ILE A 11 -2.93 5.31 4.07
N ASP A 12 -2.26 4.15 4.16
CA ASP A 12 -1.28 3.85 5.20
C ASP A 12 0.10 4.35 4.76
N ASP A 13 0.53 5.51 5.29
CA ASP A 13 1.77 6.18 4.88
C ASP A 13 3.02 5.33 5.17
N GLU A 14 3.01 4.58 6.28
CA GLU A 14 4.04 3.60 6.61
C GLU A 14 4.06 2.44 5.59
N ALA A 15 2.89 1.96 5.15
CA ALA A 15 2.80 0.96 4.08
C ALA A 15 3.34 1.52 2.77
N VAL A 16 2.92 2.72 2.34
CA VAL A 16 3.42 3.36 1.10
C VAL A 16 4.94 3.53 1.13
N LYS A 17 5.52 3.96 2.27
CA LYS A 17 6.96 3.99 2.49
C LYS A 17 7.59 2.59 2.34
N GLU A 18 7.01 1.56 2.97
CA GLU A 18 7.50 0.19 2.81
C GLU A 18 7.39 -0.29 1.36
N VAL A 19 6.30 -0.06 0.62
CA VAL A 19 6.23 -0.43 -0.82
C VAL A 19 7.36 0.22 -1.63
N CYS A 20 7.64 1.50 -1.41
CA CYS A 20 8.74 2.21 -2.06
C CYS A 20 10.09 1.48 -1.90
N GLU A 21 10.50 1.13 -0.67
CA GLU A 21 11.81 0.52 -0.41
C GLU A 21 11.84 -1.02 -0.60
N LYS A 22 10.75 -1.74 -0.31
CA LYS A 22 10.66 -3.20 -0.42
C LYS A 22 10.48 -3.66 -1.88
N PHE A 23 9.55 -3.03 -2.60
CA PHE A 23 9.20 -3.38 -3.99
C PHE A 23 10.03 -2.62 -5.05
N GLU A 24 10.75 -1.56 -4.64
CA GLU A 24 11.65 -0.74 -5.46
C GLU A 24 10.88 0.14 -6.45
N CYS A 25 10.18 1.15 -5.92
CA CYS A 25 9.37 2.13 -6.68
C CYS A 25 9.35 3.50 -5.95
N THR A 26 8.56 4.46 -6.44
CA THR A 26 8.37 5.78 -5.82
C THR A 26 7.04 5.85 -5.10
N GLU A 27 6.98 6.63 -4.02
CA GLU A 27 5.76 6.87 -3.25
C GLU A 27 4.66 7.45 -4.14
N SER A 28 5.01 8.32 -5.09
CA SER A 28 4.08 8.90 -6.06
C SER A 28 3.46 7.87 -7.01
N GLU A 29 4.23 6.88 -7.49
CA GLU A 29 3.69 5.82 -8.34
C GLU A 29 2.95 4.74 -7.53
N VAL A 30 3.40 4.45 -6.30
CA VAL A 30 2.63 3.60 -5.37
C VAL A 30 1.26 4.23 -5.09
N MET A 31 1.20 5.54 -4.80
CA MET A 31 -0.06 6.29 -4.69
C MET A 31 -0.89 6.25 -5.97
N ASN A 32 -0.29 6.44 -7.15
CA ASN A 32 -1.00 6.55 -8.43
C ASN A 32 -2.07 5.45 -8.63
N SER A 33 -1.70 4.17 -8.63
CA SER A 33 -2.64 3.06 -8.83
C SER A 33 -3.72 2.99 -7.72
N LEU A 34 -3.36 3.37 -6.50
CA LEU A 34 -4.26 3.34 -5.34
C LEU A 34 -5.23 4.54 -5.34
N TYR A 35 -4.87 5.66 -5.99
CA TYR A 35 -5.73 6.83 -6.17
C TYR A 35 -6.61 6.68 -7.42
N SER A 36 -6.09 6.00 -8.44
CA SER A 36 -6.83 5.57 -9.64
C SER A 36 -7.86 4.48 -9.30
N GLY A 37 -7.54 3.63 -8.31
CA GLY A 37 -8.46 2.66 -7.70
C GLY A 37 -8.37 1.26 -8.30
N ASP A 38 -7.21 0.87 -8.83
CA ASP A 38 -6.96 -0.46 -9.40
C ASP A 38 -6.15 -1.32 -8.41
N PRO A 39 -6.76 -2.34 -7.77
CA PRO A 39 -6.08 -3.22 -6.81
C PRO A 39 -5.26 -4.33 -7.48
N GLN A 40 -5.36 -4.51 -8.81
CA GLN A 40 -4.73 -5.60 -9.55
C GLN A 40 -3.40 -5.18 -10.20
N ASP A 41 -3.09 -3.88 -10.19
CA ASP A 41 -1.79 -3.33 -10.61
C ASP A 41 -0.66 -3.76 -9.65
N GLN A 42 0.54 -4.02 -10.19
CA GLN A 42 1.70 -4.51 -9.43
C GLN A 42 2.01 -3.71 -8.16
N LEU A 43 1.87 -2.38 -8.18
CA LEU A 43 2.18 -1.52 -7.03
C LEU A 43 1.06 -1.56 -5.98
N ALA A 44 -0.20 -1.75 -6.40
CA ALA A 44 -1.32 -1.97 -5.50
C ALA A 44 -1.32 -3.40 -4.92
N VAL A 45 -0.95 -4.40 -5.72
CA VAL A 45 -0.70 -5.78 -5.28
C VAL A 45 0.44 -5.80 -4.24
N ALA A 46 1.55 -5.09 -4.49
CA ALA A 46 2.62 -4.89 -3.50
C ALA A 46 2.09 -4.24 -2.21
N TYR A 47 1.31 -3.16 -2.30
CA TYR A 47 0.67 -2.51 -1.15
C TYR A 47 -0.19 -3.48 -0.31
N HIS A 48 -1.03 -4.31 -0.95
CA HIS A 48 -1.81 -5.34 -0.24
C HIS A 48 -0.92 -6.41 0.44
N LEU A 49 0.07 -6.96 -0.29
CA LEU A 49 1.00 -7.99 0.24
C LEU A 49 1.89 -7.46 1.37
N ILE A 50 2.34 -6.21 1.27
CA ILE A 50 3.19 -5.55 2.27
C ILE A 50 2.37 -5.15 3.51
N ILE A 51 1.10 -4.78 3.38
CA ILE A 51 0.19 -4.61 4.53
C ILE A 51 -0.05 -5.95 5.24
N ASP A 52 -0.23 -7.05 4.51
CA ASP A 52 -0.33 -8.39 5.10
C ASP A 52 0.93 -8.77 5.89
N ASN A 53 2.12 -8.52 5.33
CA ASN A 53 3.40 -8.69 6.03
C ASN A 53 3.48 -7.79 7.28
N ARG A 54 3.15 -6.50 7.16
CA ARG A 54 3.15 -5.50 8.24
C ARG A 54 2.20 -5.87 9.40
N ARG A 55 1.00 -6.38 9.10
CA ARG A 55 -0.06 -6.63 10.07
C ARG A 55 -0.09 -8.06 10.63
N ILE A 56 0.19 -9.08 9.80
CA ILE A 56 0.02 -10.51 10.14
C ILE A 56 1.36 -11.28 10.15
N MET A 57 2.38 -10.79 9.42
CA MET A 57 3.71 -11.39 9.11
C MET A 57 3.70 -12.09 7.75
N ASN A 58 2.53 -12.51 7.26
CA ASN A 58 2.23 -13.14 5.96
C ASN A 58 2.73 -14.59 5.85
N GLN A 59 4.00 -14.85 6.17
CA GLN A 59 4.68 -16.15 6.08
C GLN A 59 5.68 -16.31 7.25
N ALA A 60 6.09 -17.56 7.54
CA ALA A 60 7.13 -17.94 8.50
C ALA A 60 6.80 -17.68 9.99
N SER A 61 5.55 -17.33 10.31
CA SER A 61 5.06 -17.09 11.67
C SER A 61 4.83 -18.37 12.51
N GLU A 62 4.80 -19.55 11.88
CA GLU A 62 4.58 -20.89 12.46
C GLU A 62 5.02 -22.04 11.54
N GLY A 1 -19.04 20.14 2.74
CA GLY A 1 -18.12 19.13 3.34
C GLY A 1 -18.69 17.70 3.27
N PRO A 2 -17.89 16.69 3.70
CA PRO A 2 -18.29 15.28 3.70
C PRO A 2 -19.27 14.96 4.85
N HIS A 3 -19.91 13.80 4.77
CA HIS A 3 -20.87 13.32 5.78
C HIS A 3 -20.20 12.91 7.12
N MET A 4 -18.89 12.61 7.09
CA MET A 4 -18.06 12.20 8.24
C MET A 4 -16.57 12.45 8.00
N SER A 5 -15.79 12.55 9.08
CA SER A 5 -14.37 12.95 9.05
C SER A 5 -13.38 11.82 8.70
N TYR A 6 -13.88 10.62 8.35
CA TYR A 6 -13.10 9.39 8.16
C TYR A 6 -13.69 8.47 7.07
N ASP A 7 -12.93 7.43 6.70
CA ASP A 7 -13.27 6.43 5.68
C ASP A 7 -12.35 5.19 5.76
N ALA A 8 -12.77 4.09 5.12
CA ALA A 8 -12.00 2.83 5.07
C ALA A 8 -10.94 2.79 3.94
N ASN A 9 -11.06 3.66 2.93
CA ASN A 9 -10.19 3.67 1.75
C ASN A 9 -8.80 4.31 2.00
N VAL A 10 -8.70 5.23 2.96
CA VAL A 10 -7.49 5.99 3.35
C VAL A 10 -6.22 5.12 3.42
N ILE A 11 -5.12 5.64 2.86
CA ILE A 11 -3.83 4.94 2.73
C ILE A 11 -3.00 4.99 4.04
N ASP A 12 -2.03 4.07 4.20
CA ASP A 12 -1.01 4.14 5.27
C ASP A 12 0.35 4.57 4.72
N ASP A 13 0.86 5.70 5.20
CA ASP A 13 2.18 6.23 4.85
C ASP A 13 3.31 5.28 5.24
N GLU A 14 3.16 4.46 6.29
CA GLU A 14 4.16 3.46 6.69
C GLU A 14 4.23 2.31 5.68
N ALA A 15 3.07 1.84 5.20
CA ALA A 15 3.00 0.87 4.11
C ALA A 15 3.58 1.46 2.82
N VAL A 16 3.18 2.67 2.42
CA VAL A 16 3.73 3.34 1.23
C VAL A 16 5.27 3.42 1.29
N LYS A 17 5.84 3.91 2.39
CA LYS A 17 7.30 3.96 2.58
C LYS A 17 7.95 2.56 2.50
N GLU A 18 7.32 1.53 3.07
CA GLU A 18 7.81 0.15 2.94
C GLU A 18 7.69 -0.37 1.49
N VAL A 19 6.62 -0.06 0.76
CA VAL A 19 6.48 -0.38 -0.68
C VAL A 19 7.61 0.26 -1.50
N CYS A 20 7.95 1.53 -1.24
CA CYS A 20 9.07 2.20 -1.92
C CYS A 20 10.42 1.46 -1.70
N GLU A 21 10.66 0.95 -0.49
CA GLU A 21 11.87 0.21 -0.12
C GLU A 21 11.88 -1.20 -0.76
N LYS A 22 10.82 -2.00 -0.54
CA LYS A 22 10.68 -3.39 -1.01
C LYS A 22 10.65 -3.48 -2.54
N PHE A 23 9.83 -2.63 -3.18
CA PHE A 23 9.47 -2.68 -4.60
C PHE A 23 10.31 -1.73 -5.49
N GLU A 24 11.16 -0.89 -4.89
CA GLU A 24 12.14 -0.01 -5.54
C GLU A 24 11.50 1.15 -6.36
N CYS A 25 10.28 1.54 -5.99
CA CYS A 25 9.49 2.62 -6.58
C CYS A 25 9.45 3.89 -5.70
N THR A 26 8.70 4.90 -6.15
CA THR A 26 8.44 6.17 -5.45
C THR A 26 7.01 6.22 -4.92
N GLU A 27 6.78 7.05 -3.90
CA GLU A 27 5.47 7.20 -3.23
C GLU A 27 4.37 7.50 -4.26
N SER A 28 4.63 8.42 -5.19
CA SER A 28 3.70 8.83 -6.25
C SER A 28 3.25 7.66 -7.14
N GLU A 29 4.10 6.64 -7.33
CA GLU A 29 3.73 5.44 -8.11
C GLU A 29 2.84 4.51 -7.28
N VAL A 30 3.07 4.38 -5.98
CA VAL A 30 2.23 3.59 -5.07
C VAL A 30 0.84 4.26 -4.93
N MET A 31 0.81 5.58 -4.77
CA MET A 31 -0.41 6.40 -4.77
C MET A 31 -1.21 6.23 -6.07
N ASN A 32 -0.55 6.33 -7.23
CA ASN A 32 -1.22 6.29 -8.54
C ASN A 32 -2.14 5.06 -8.70
N SER A 33 -1.63 3.85 -8.52
CA SER A 33 -2.43 2.63 -8.75
C SER A 33 -3.55 2.40 -7.72
N LEU A 34 -3.52 3.13 -6.59
CA LEU A 34 -4.57 3.11 -5.57
C LEU A 34 -5.60 4.23 -5.76
N TYR A 35 -5.26 5.31 -6.48
CA TYR A 35 -6.08 6.51 -6.64
C TYR A 35 -6.66 6.71 -8.05
N SER A 36 -5.90 6.36 -9.09
CA SER A 36 -6.24 6.60 -10.51
C SER A 36 -6.06 5.38 -11.42
N GLY A 37 -5.28 4.36 -11.00
CA GLY A 37 -5.18 3.06 -11.68
C GLY A 37 -6.24 2.08 -11.16
N ASP A 38 -5.80 0.86 -10.82
CA ASP A 38 -6.66 -0.21 -10.29
C ASP A 38 -5.90 -1.07 -9.25
N PRO A 39 -6.54 -1.53 -8.15
CA PRO A 39 -5.92 -2.36 -7.11
C PRO A 39 -5.21 -3.65 -7.57
N GLN A 40 -5.48 -4.14 -8.79
CA GLN A 40 -4.87 -5.34 -9.36
C GLN A 40 -3.50 -5.07 -10.01
N ASP A 41 -3.11 -3.80 -10.18
CA ASP A 41 -1.79 -3.40 -10.67
C ASP A 41 -0.66 -3.72 -9.65
N GLN A 42 0.54 -4.00 -10.17
CA GLN A 42 1.72 -4.42 -9.39
C GLN A 42 2.02 -3.48 -8.20
N LEU A 43 1.92 -2.15 -8.37
CA LEU A 43 2.22 -1.18 -7.30
C LEU A 43 1.16 -1.20 -6.19
N ALA A 44 -0.10 -1.48 -6.53
CA ALA A 44 -1.18 -1.68 -5.56
C ALA A 44 -1.16 -3.09 -4.93
N VAL A 45 -0.81 -4.12 -5.70
CA VAL A 45 -0.60 -5.49 -5.20
C VAL A 45 0.55 -5.53 -4.20
N ALA A 46 1.67 -4.83 -4.47
CA ALA A 46 2.76 -4.63 -3.51
C ALA A 46 2.24 -4.03 -2.19
N TYR A 47 1.48 -2.93 -2.26
CA TYR A 47 0.86 -2.28 -1.10
C TYR A 47 -0.04 -3.22 -0.28
N HIS A 48 -0.92 -3.99 -0.93
CA HIS A 48 -1.79 -4.95 -0.22
C HIS A 48 -0.97 -6.07 0.46
N LEU A 49 -0.02 -6.69 -0.27
CA LEU A 49 0.86 -7.74 0.26
C LEU A 49 1.75 -7.24 1.41
N ILE A 50 2.23 -6.00 1.33
CA ILE A 50 3.07 -5.38 2.37
C ILE A 50 2.25 -5.03 3.62
N ILE A 51 0.99 -4.60 3.48
CA ILE A 51 0.08 -4.45 4.64
C ILE A 51 -0.21 -5.81 5.29
N ASP A 52 -0.45 -6.87 4.53
CA ASP A 52 -0.60 -8.23 5.06
C ASP A 52 0.66 -8.70 5.82
N ASN A 53 1.86 -8.54 5.24
CA ASN A 53 3.12 -8.85 5.95
C ASN A 53 3.26 -8.01 7.24
N ARG A 54 2.98 -6.70 7.17
CA ARG A 54 3.06 -5.77 8.30
C ARG A 54 2.12 -6.14 9.46
N ARG A 55 0.86 -6.53 9.17
CA ARG A 55 -0.16 -6.84 10.19
C ARG A 55 -0.20 -8.32 10.64
N ILE A 56 0.09 -9.29 9.76
CA ILE A 56 0.03 -10.74 10.07
C ILE A 56 1.39 -11.29 10.55
N MET A 57 2.49 -10.85 9.94
CA MET A 57 3.84 -11.40 10.13
C MET A 57 4.88 -10.29 10.38
N ASN A 58 4.65 -9.50 11.44
CA ASN A 58 5.52 -8.37 11.82
C ASN A 58 6.99 -8.76 12.13
N GLN A 59 7.26 -10.05 12.36
CA GLN A 59 8.62 -10.60 12.55
C GLN A 59 9.44 -10.69 11.24
N ALA A 60 8.82 -10.52 10.07
CA ALA A 60 9.51 -10.51 8.77
C ALA A 60 10.61 -9.43 8.74
N SER A 61 11.87 -9.87 8.65
CA SER A 61 13.07 -9.01 8.84
C SER A 61 13.90 -8.81 7.55
N GLU A 62 13.41 -9.29 6.40
CA GLU A 62 14.05 -9.19 5.07
C GLU A 62 13.01 -9.06 3.94
N GLY A 1 -14.48 14.22 -6.64
CA GLY A 1 -14.16 12.77 -6.72
C GLY A 1 -13.77 12.18 -5.37
N PRO A 2 -13.72 10.84 -5.25
CA PRO A 2 -13.39 10.13 -4.01
C PRO A 2 -11.92 10.32 -3.62
N HIS A 3 -11.65 10.34 -2.32
CA HIS A 3 -10.34 10.65 -1.72
C HIS A 3 -10.31 10.25 -0.23
N MET A 4 -9.15 10.40 0.43
CA MET A 4 -8.91 10.07 1.84
C MET A 4 -9.95 10.72 2.77
N SER A 5 -10.84 9.91 3.33
CA SER A 5 -12.03 10.37 4.08
C SER A 5 -12.39 9.52 5.32
N TYR A 6 -12.02 8.24 5.37
CA TYR A 6 -12.47 7.27 6.38
C TYR A 6 -11.49 6.10 6.56
N ASP A 7 -11.48 5.47 7.74
CA ASP A 7 -10.50 4.45 8.16
C ASP A 7 -10.32 3.27 7.19
N ALA A 8 -11.42 2.82 6.58
CA ALA A 8 -11.42 1.75 5.58
C ALA A 8 -10.93 2.21 4.17
N ASN A 9 -11.03 3.51 3.87
CA ASN A 9 -10.72 4.09 2.56
C ASN A 9 -9.34 4.79 2.49
N VAL A 10 -8.81 5.30 3.61
CA VAL A 10 -7.49 5.97 3.67
C VAL A 10 -6.33 5.01 3.36
N ILE A 11 -5.23 5.56 2.81
CA ILE A 11 -3.98 4.83 2.55
C ILE A 11 -3.10 4.77 3.82
N ASP A 12 -2.22 3.76 3.94
CA ASP A 12 -1.19 3.74 5.00
C ASP A 12 0.12 4.35 4.47
N ASP A 13 0.49 5.49 5.02
CA ASP A 13 1.76 6.18 4.73
C ASP A 13 2.98 5.30 5.07
N GLU A 14 2.87 4.42 6.07
CA GLU A 14 3.94 3.48 6.42
C GLU A 14 4.08 2.36 5.38
N ALA A 15 2.96 1.86 4.85
CA ALA A 15 2.99 0.90 3.75
C ALA A 15 3.54 1.55 2.48
N VAL A 16 3.09 2.75 2.11
CA VAL A 16 3.63 3.49 0.95
C VAL A 16 5.15 3.67 1.08
N LYS A 17 5.64 4.09 2.25
CA LYS A 17 7.08 4.21 2.54
C LYS A 17 7.81 2.86 2.46
N GLU A 18 7.21 1.77 2.98
CA GLU A 18 7.78 0.42 2.88
C GLU A 18 7.81 -0.06 1.42
N VAL A 19 6.74 0.09 0.64
CA VAL A 19 6.67 -0.30 -0.78
C VAL A 19 7.77 0.37 -1.61
N CYS A 20 8.08 1.64 -1.33
CA CYS A 20 9.20 2.36 -1.96
C CYS A 20 10.57 1.64 -1.78
N GLU A 21 10.80 1.02 -0.62
CA GLU A 21 12.02 0.26 -0.33
C GLU A 21 11.91 -1.20 -0.84
N LYS A 22 10.86 -1.92 -0.41
CA LYS A 22 10.63 -3.34 -0.66
C LYS A 22 10.42 -3.69 -2.15
N PHE A 23 9.65 -2.86 -2.86
CA PHE A 23 9.32 -3.00 -4.28
C PHE A 23 10.20 -2.14 -5.22
N GLU A 24 11.03 -1.24 -4.67
CA GLU A 24 12.07 -0.48 -5.37
C GLU A 24 11.54 0.60 -6.34
N CYS A 25 10.32 1.08 -6.10
CA CYS A 25 9.63 2.13 -6.86
C CYS A 25 9.65 3.50 -6.12
N THR A 26 9.03 4.52 -6.72
CA THR A 26 8.76 5.82 -6.06
C THR A 26 7.44 5.75 -5.30
N GLU A 27 7.31 6.54 -4.23
CA GLU A 27 6.10 6.57 -3.39
C GLU A 27 4.87 6.98 -4.20
N SER A 28 4.99 8.03 -5.02
CA SER A 28 3.89 8.57 -5.83
C SER A 28 3.28 7.53 -6.78
N GLU A 29 4.07 6.58 -7.28
CA GLU A 29 3.58 5.48 -8.13
C GLU A 29 2.78 4.44 -7.31
N VAL A 30 3.11 4.25 -6.02
CA VAL A 30 2.30 3.41 -5.12
C VAL A 30 0.92 4.04 -4.92
N MET A 31 0.91 5.34 -4.61
CA MET A 31 -0.32 6.12 -4.40
C MET A 31 -1.18 6.16 -5.67
N ASN A 32 -0.58 6.36 -6.85
CA ASN A 32 -1.30 6.43 -8.13
C ASN A 32 -2.22 5.22 -8.36
N SER A 33 -1.70 3.99 -8.31
CA SER A 33 -2.49 2.78 -8.59
C SER A 33 -3.60 2.52 -7.54
N LEU A 34 -3.53 3.13 -6.36
CA LEU A 34 -4.53 3.04 -5.29
C LEU A 34 -5.55 4.19 -5.34
N TYR A 35 -5.20 5.32 -5.94
CA TYR A 35 -6.01 6.55 -5.98
C TYR A 35 -6.75 6.76 -7.31
N SER A 36 -6.11 6.43 -8.44
CA SER A 36 -6.62 6.70 -9.80
C SER A 36 -6.35 5.58 -10.82
N GLY A 37 -5.51 4.58 -10.52
CA GLY A 37 -5.34 3.37 -11.31
C GLY A 37 -6.35 2.29 -10.90
N ASP A 38 -5.88 1.06 -10.66
CA ASP A 38 -6.70 -0.07 -10.21
C ASP A 38 -5.95 -0.92 -9.15
N PRO A 39 -6.62 -1.39 -8.07
CA PRO A 39 -6.02 -2.21 -7.02
C PRO A 39 -5.30 -3.49 -7.46
N GLN A 40 -5.55 -4.00 -8.67
CA GLN A 40 -4.92 -5.22 -9.20
C GLN A 40 -3.60 -4.94 -9.97
N ASP A 41 -3.22 -3.67 -10.13
CA ASP A 41 -1.90 -3.27 -10.66
C ASP A 41 -0.76 -3.66 -9.70
N GLN A 42 0.42 -3.96 -10.26
CA GLN A 42 1.59 -4.43 -9.51
C GLN A 42 1.98 -3.56 -8.30
N LEU A 43 1.88 -2.22 -8.41
CA LEU A 43 2.21 -1.28 -7.33
C LEU A 43 1.17 -1.31 -6.19
N ALA A 44 -0.11 -1.48 -6.53
CA ALA A 44 -1.18 -1.67 -5.56
C ALA A 44 -1.16 -3.09 -4.95
N VAL A 45 -0.82 -4.11 -5.73
CA VAL A 45 -0.62 -5.49 -5.25
C VAL A 45 0.55 -5.56 -4.27
N ALA A 46 1.69 -4.90 -4.54
CA ALA A 46 2.80 -4.74 -3.59
C ALA A 46 2.33 -4.13 -2.27
N TYR A 47 1.58 -3.01 -2.33
CA TYR A 47 0.97 -2.37 -1.15
C TYR A 47 0.06 -3.32 -0.34
N HIS A 48 -0.81 -4.08 -1.00
CA HIS A 48 -1.67 -5.06 -0.29
C HIS A 48 -0.85 -6.19 0.37
N LEU A 49 0.13 -6.77 -0.34
CA LEU A 49 1.04 -7.80 0.18
C LEU A 49 1.88 -7.30 1.36
N ILE A 50 2.33 -6.04 1.30
CA ILE A 50 3.12 -5.39 2.36
C ILE A 50 2.25 -5.03 3.57
N ILE A 51 0.99 -4.63 3.37
CA ILE A 51 0.03 -4.48 4.48
C ILE A 51 -0.26 -5.83 5.14
N ASP A 52 -0.41 -6.94 4.40
CA ASP A 52 -0.51 -8.27 5.01
C ASP A 52 0.75 -8.66 5.80
N ASN A 53 1.95 -8.40 5.27
CA ASN A 53 3.22 -8.62 5.99
C ASN A 53 3.23 -7.83 7.32
N ARG A 54 2.94 -6.53 7.26
CA ARG A 54 2.83 -5.59 8.39
C ARG A 54 1.76 -6.00 9.43
N ARG A 55 0.59 -6.47 8.96
CA ARG A 55 -0.57 -6.84 9.77
C ARG A 55 -0.45 -8.22 10.43
N ILE A 56 0.03 -9.22 9.69
CA ILE A 56 0.08 -10.63 10.13
C ILE A 56 1.39 -10.92 10.89
N MET A 57 2.53 -10.77 10.22
CA MET A 57 3.87 -11.17 10.68
C MET A 57 4.93 -10.74 9.67
N ASN A 58 5.97 -10.03 10.13
CA ASN A 58 7.05 -9.52 9.26
C ASN A 58 8.06 -10.61 8.85
N GLN A 59 7.57 -11.60 8.10
CA GLN A 59 8.38 -12.67 7.52
C GLN A 59 9.26 -12.12 6.37
N ALA A 60 10.47 -12.65 6.21
CA ALA A 60 11.46 -12.25 5.20
C ALA A 60 12.49 -13.38 4.94
N SER A 61 13.24 -13.26 3.85
CA SER A 61 14.34 -14.18 3.48
C SER A 61 15.65 -13.88 4.24
N GLU A 62 16.57 -14.87 4.28
CA GLU A 62 17.87 -14.82 4.96
C GLU A 62 18.91 -15.77 4.32
N GLY A 1 -24.06 -1.28 2.55
CA GLY A 1 -22.58 -1.15 2.42
C GLY A 1 -21.87 -2.50 2.31
N PRO A 2 -20.53 -2.50 2.13
CA PRO A 2 -19.71 -3.71 1.99
C PRO A 2 -19.49 -4.41 3.33
N HIS A 3 -19.10 -5.69 3.28
CA HIS A 3 -18.82 -6.52 4.46
C HIS A 3 -17.43 -6.26 5.10
N MET A 4 -16.65 -5.33 4.54
CA MET A 4 -15.27 -4.98 4.95
C MET A 4 -14.95 -3.52 4.59
N SER A 5 -14.32 -2.80 5.51
CA SER A 5 -13.92 -1.39 5.34
C SER A 5 -12.57 -1.22 4.61
N TYR A 6 -11.68 -2.23 4.64
CA TYR A 6 -10.41 -2.25 3.91
C TYR A 6 -10.61 -2.34 2.39
N ASP A 7 -9.85 -1.53 1.64
CA ASP A 7 -9.92 -1.35 0.18
C ASP A 7 -8.70 -0.53 -0.30
N ALA A 8 -8.28 -0.69 -1.56
CA ALA A 8 -7.15 0.03 -2.16
C ALA A 8 -7.23 1.57 -1.99
N ASN A 9 -8.44 2.14 -1.96
CA ASN A 9 -8.66 3.56 -1.72
C ASN A 9 -8.32 4.02 -0.27
N VAL A 10 -8.30 3.09 0.69
CA VAL A 10 -7.98 3.34 2.11
C VAL A 10 -6.47 3.10 2.30
N ILE A 11 -5.68 4.12 1.93
CA ILE A 11 -4.21 4.05 1.86
C ILE A 11 -3.55 4.04 3.25
N ASP A 12 -2.27 3.64 3.32
CA ASP A 12 -1.45 3.78 4.53
C ASP A 12 -0.04 4.30 4.18
N ASP A 13 0.36 5.40 4.81
CA ASP A 13 1.67 6.02 4.66
C ASP A 13 2.81 5.05 5.00
N GLU A 14 2.64 4.15 5.97
CA GLU A 14 3.66 3.16 6.32
C GLU A 14 3.81 2.09 5.23
N ALA A 15 2.70 1.63 4.64
CA ALA A 15 2.73 0.68 3.53
C ALA A 15 3.32 1.32 2.26
N VAL A 16 2.77 2.45 1.84
CA VAL A 16 3.17 3.15 0.60
C VAL A 16 4.66 3.46 0.60
N LYS A 17 5.16 4.04 1.70
CA LYS A 17 6.58 4.42 1.82
C LYS A 17 7.52 3.20 1.94
N GLU A 18 7.01 2.04 2.39
CA GLU A 18 7.75 0.78 2.37
C GLU A 18 7.74 0.10 0.98
N VAL A 19 6.67 0.21 0.18
CA VAL A 19 6.69 -0.25 -1.24
C VAL A 19 7.86 0.38 -2.01
N CYS A 20 8.22 1.64 -1.73
CA CYS A 20 9.39 2.31 -2.31
C CYS A 20 10.71 1.53 -2.10
N GLU A 21 10.84 0.83 -0.96
CA GLU A 21 12.02 0.06 -0.59
C GLU A 21 11.89 -1.42 -1.02
N LYS A 22 10.81 -2.09 -0.63
CA LYS A 22 10.55 -3.51 -0.94
C LYS A 22 10.49 -3.79 -2.44
N PHE A 23 9.85 -2.89 -3.19
CA PHE A 23 9.52 -3.03 -4.61
C PHE A 23 10.35 -2.11 -5.54
N GLU A 24 11.23 -1.28 -4.97
CA GLU A 24 12.16 -0.40 -5.69
C GLU A 24 11.47 0.71 -6.53
N CYS A 25 10.28 1.14 -6.08
CA CYS A 25 9.45 2.17 -6.74
C CYS A 25 9.54 3.54 -6.01
N THR A 26 8.60 4.45 -6.28
CA THR A 26 8.49 5.79 -5.66
C THR A 26 7.08 6.02 -5.11
N GLU A 27 6.99 6.80 -4.03
CA GLU A 27 5.74 7.05 -3.31
C GLU A 27 4.66 7.61 -4.25
N SER A 28 5.00 8.57 -5.10
CA SER A 28 4.05 9.15 -6.07
C SER A 28 3.51 8.11 -7.07
N GLU A 29 4.32 7.13 -7.49
CA GLU A 29 3.89 6.07 -8.41
C GLU A 29 3.05 5.02 -7.69
N VAL A 30 3.43 4.66 -6.46
CA VAL A 30 2.67 3.73 -5.60
C VAL A 30 1.30 4.31 -5.23
N MET A 31 1.23 5.61 -4.89
CA MET A 31 -0.03 6.32 -4.65
C MET A 31 -0.94 6.33 -5.88
N ASN A 32 -0.43 6.52 -7.10
CA ASN A 32 -1.27 6.64 -8.31
C ASN A 32 -2.30 5.50 -8.46
N SER A 33 -1.87 4.23 -8.48
CA SER A 33 -2.79 3.08 -8.62
C SER A 33 -3.81 2.98 -7.49
N LEU A 34 -3.44 3.44 -6.29
CA LEU A 34 -4.26 3.42 -5.08
C LEU A 34 -5.22 4.63 -5.00
N TYR A 35 -4.89 5.73 -5.70
CA TYR A 35 -5.78 6.88 -5.90
C TYR A 35 -6.78 6.59 -7.04
N SER A 36 -6.33 5.84 -8.03
CA SER A 36 -7.17 5.27 -9.10
C SER A 36 -8.10 4.17 -8.54
N GLY A 37 -7.64 3.44 -7.52
CA GLY A 37 -8.41 2.50 -6.71
C GLY A 37 -8.37 1.06 -7.23
N ASP A 38 -7.34 0.69 -8.00
CA ASP A 38 -7.20 -0.64 -8.61
C ASP A 38 -6.24 -1.53 -7.80
N PRO A 39 -6.71 -2.60 -7.14
CA PRO A 39 -5.88 -3.53 -6.36
C PRO A 39 -5.06 -4.51 -7.22
N GLN A 40 -5.28 -4.55 -8.54
CA GLN A 40 -4.71 -5.58 -9.44
C GLN A 40 -3.32 -5.17 -10.00
N ASP A 41 -2.99 -3.88 -9.93
CA ASP A 41 -1.68 -3.35 -10.34
C ASP A 41 -0.55 -3.80 -9.42
N GLN A 42 0.66 -3.99 -9.95
CA GLN A 42 1.82 -4.51 -9.20
C GLN A 42 2.16 -3.67 -7.97
N LEU A 43 2.04 -2.34 -8.03
CA LEU A 43 2.32 -1.45 -6.89
C LEU A 43 1.22 -1.52 -5.82
N ALA A 44 -0.04 -1.74 -6.24
CA ALA A 44 -1.15 -2.02 -5.33
C ALA A 44 -1.04 -3.42 -4.71
N VAL A 45 -0.65 -4.43 -5.49
CA VAL A 45 -0.32 -5.77 -4.99
C VAL A 45 0.82 -5.71 -3.95
N ALA A 46 1.88 -4.91 -4.19
CA ALA A 46 2.94 -4.67 -3.20
C ALA A 46 2.40 -4.02 -1.92
N TYR A 47 1.59 -2.95 -2.02
CA TYR A 47 0.87 -2.34 -0.88
C TYR A 47 0.05 -3.38 -0.09
N HIS A 48 -0.70 -4.25 -0.78
CA HIS A 48 -1.50 -5.29 -0.15
C HIS A 48 -0.63 -6.31 0.60
N LEU A 49 0.42 -6.84 -0.05
CA LEU A 49 1.38 -7.79 0.53
C LEU A 49 2.13 -7.21 1.72
N ILE A 50 2.50 -5.92 1.69
CA ILE A 50 3.11 -5.23 2.82
C ILE A 50 2.12 -5.06 3.98
N ILE A 51 0.86 -4.73 3.71
CA ILE A 51 -0.19 -4.69 4.76
C ILE A 51 -0.43 -6.08 5.36
N ASP A 52 -0.43 -7.15 4.55
CA ASP A 52 -0.49 -8.54 5.05
C ASP A 52 0.71 -8.89 5.96
N ASN A 53 1.93 -8.54 5.55
CA ASN A 53 3.14 -8.74 6.37
C ASN A 53 3.11 -7.91 7.66
N ARG A 54 2.68 -6.65 7.59
CA ARG A 54 2.53 -5.71 8.72
C ARG A 54 1.47 -6.17 9.75
N ARG A 55 0.36 -6.75 9.26
CA ARG A 55 -0.75 -7.27 10.07
C ARG A 55 -0.47 -8.66 10.67
N ILE A 56 -0.09 -9.64 9.84
CA ILE A 56 0.00 -11.07 10.22
C ILE A 56 1.42 -11.50 10.63
N MET A 57 2.43 -11.05 9.90
CA MET A 57 3.83 -11.51 9.99
C MET A 57 4.76 -10.44 10.64
N ASN A 58 4.22 -9.69 11.61
CA ASN A 58 4.87 -8.49 12.18
C ASN A 58 6.20 -8.78 12.93
N GLN A 59 6.43 -10.03 13.34
CA GLN A 59 7.65 -10.47 14.05
C GLN A 59 7.81 -11.99 13.95
N ALA A 60 9.03 -12.47 13.66
CA ALA A 60 9.34 -13.89 13.49
C ALA A 60 9.07 -14.71 14.77
N SER A 61 9.33 -14.10 15.95
CA SER A 61 8.95 -14.60 17.28
C SER A 61 9.73 -15.85 17.76
N GLU A 62 10.77 -16.26 17.03
CA GLU A 62 11.64 -17.44 17.29
C GLU A 62 13.03 -17.29 16.67
N GLY A 1 -18.20 12.20 19.57
CA GLY A 1 -17.47 12.72 18.39
C GLY A 1 -17.02 11.62 17.44
N PRO A 2 -16.39 11.99 16.30
CA PRO A 2 -15.90 11.05 15.29
C PRO A 2 -14.62 10.32 15.74
N HIS A 3 -14.27 9.24 15.05
CA HIS A 3 -13.08 8.42 15.35
C HIS A 3 -11.74 9.04 14.85
N MET A 4 -11.80 10.20 14.17
CA MET A 4 -10.71 11.09 13.69
C MET A 4 -9.66 10.50 12.73
N SER A 5 -9.52 9.18 12.67
CA SER A 5 -8.65 8.45 11.74
C SER A 5 -9.22 8.29 10.31
N TYR A 6 -10.40 8.87 10.04
CA TYR A 6 -11.06 8.86 8.72
C TYR A 6 -10.23 9.52 7.60
N ASP A 7 -10.41 9.01 6.37
CA ASP A 7 -9.92 9.58 5.12
C ASP A 7 -10.83 9.19 3.95
N ALA A 8 -10.95 10.05 2.93
CA ALA A 8 -11.84 9.85 1.78
C ALA A 8 -11.45 8.65 0.88
N ASN A 9 -10.18 8.26 0.86
CA ASN A 9 -9.66 7.14 0.07
C ASN A 9 -9.12 5.98 0.96
N VAL A 10 -8.43 6.30 2.05
CA VAL A 10 -7.84 5.43 3.08
C VAL A 10 -6.54 4.80 2.57
N ILE A 11 -5.42 5.15 3.23
CA ILE A 11 -4.07 4.64 2.95
C ILE A 11 -3.23 4.56 4.24
N ASP A 12 -2.17 3.74 4.24
CA ASP A 12 -1.16 3.73 5.31
C ASP A 12 0.16 4.31 4.77
N ASP A 13 0.55 5.48 5.29
CA ASP A 13 1.81 6.14 4.93
C ASP A 13 3.05 5.28 5.26
N GLU A 14 2.96 4.35 6.23
CA GLU A 14 4.02 3.39 6.51
C GLU A 14 4.07 2.28 5.44
N ALA A 15 2.92 1.79 4.97
CA ALA A 15 2.90 0.81 3.87
C ALA A 15 3.39 1.45 2.56
N VAL A 16 2.97 2.70 2.25
CA VAL A 16 3.49 3.49 1.12
C VAL A 16 5.02 3.67 1.22
N LYS A 17 5.54 4.02 2.40
CA LYS A 17 6.98 4.09 2.68
C LYS A 17 7.67 2.73 2.46
N GLU A 18 7.12 1.62 2.99
CA GLU A 18 7.67 0.29 2.81
C GLU A 18 7.67 -0.16 1.34
N VAL A 19 6.52 -0.15 0.64
CA VAL A 19 6.45 -0.61 -0.77
C VAL A 19 7.35 0.19 -1.73
N CYS A 20 7.60 1.48 -1.45
CA CYS A 20 8.56 2.30 -2.20
C CYS A 20 9.96 1.65 -2.23
N GLU A 21 10.43 1.11 -1.11
CA GLU A 21 11.78 0.53 -0.96
C GLU A 21 11.77 -0.99 -1.21
N LYS A 22 10.85 -1.70 -0.55
CA LYS A 22 10.76 -3.16 -0.55
C LYS A 22 10.48 -3.73 -1.96
N PHE A 23 9.57 -3.08 -2.70
CA PHE A 23 9.24 -3.43 -4.09
C PHE A 23 10.06 -2.65 -5.15
N GLU A 24 10.80 -1.62 -4.75
CA GLU A 24 11.70 -0.78 -5.57
C GLU A 24 10.91 0.04 -6.62
N CYS A 25 10.30 1.14 -6.14
CA CYS A 25 9.49 2.07 -6.96
C CYS A 25 9.57 3.51 -6.38
N THR A 26 8.50 4.31 -6.53
CA THR A 26 8.34 5.66 -5.96
C THR A 26 6.98 5.83 -5.30
N GLU A 27 6.92 6.63 -4.25
CA GLU A 27 5.68 6.90 -3.50
C GLU A 27 4.60 7.49 -4.41
N SER A 28 4.96 8.38 -5.33
CA SER A 28 4.02 9.02 -6.27
C SER A 28 3.34 8.00 -7.19
N GLU A 29 4.10 7.01 -7.72
CA GLU A 29 3.54 5.96 -8.58
C GLU A 29 2.74 4.93 -7.75
N VAL A 30 3.23 4.59 -6.56
CA VAL A 30 2.53 3.71 -5.60
C VAL A 30 1.15 4.29 -5.25
N MET A 31 1.09 5.57 -4.85
CA MET A 31 -0.17 6.25 -4.55
C MET A 31 -1.05 6.43 -5.79
N ASN A 32 -0.47 6.65 -6.98
CA ASN A 32 -1.24 6.68 -8.22
C ASN A 32 -1.98 5.35 -8.47
N SER A 33 -1.34 4.19 -8.34
CA SER A 33 -2.03 2.89 -8.49
C SER A 33 -3.10 2.63 -7.41
N LEU A 34 -3.08 3.35 -6.29
CA LEU A 34 -4.06 3.25 -5.20
C LEU A 34 -5.19 4.29 -5.29
N TYR A 35 -5.00 5.36 -6.09
CA TYR A 35 -5.97 6.46 -6.26
C TYR A 35 -6.61 6.45 -7.66
N SER A 36 -5.79 6.38 -8.71
CA SER A 36 -6.20 6.32 -10.12
C SER A 36 -6.41 4.88 -10.61
N GLY A 37 -5.63 3.93 -10.06
CA GLY A 37 -5.74 2.50 -10.34
C GLY A 37 -6.58 1.75 -9.29
N ASP A 38 -6.36 0.44 -9.19
CA ASP A 38 -7.00 -0.47 -8.23
C ASP A 38 -6.04 -1.62 -7.80
N PRO A 39 -6.37 -2.41 -6.75
CA PRO A 39 -5.56 -3.50 -6.17
C PRO A 39 -5.18 -4.68 -7.08
N GLN A 40 -5.20 -4.52 -8.42
CA GLN A 40 -4.72 -5.49 -9.41
C GLN A 40 -3.44 -5.00 -10.11
N ASP A 41 -3.11 -3.71 -10.02
CA ASP A 41 -1.82 -3.16 -10.44
C ASP A 41 -0.69 -3.62 -9.51
N GLN A 42 0.47 -3.96 -10.07
CA GLN A 42 1.64 -4.48 -9.34
C GLN A 42 2.02 -3.65 -8.10
N LEU A 43 1.93 -2.32 -8.15
CA LEU A 43 2.29 -1.47 -7.02
C LEU A 43 1.23 -1.51 -5.91
N ALA A 44 -0.04 -1.58 -6.28
CA ALA A 44 -1.15 -1.75 -5.35
C ALA A 44 -1.20 -3.17 -4.75
N VAL A 45 -0.88 -4.18 -5.56
CA VAL A 45 -0.69 -5.58 -5.12
C VAL A 45 0.47 -5.66 -4.12
N ALA A 46 1.64 -5.08 -4.44
CA ALA A 46 2.79 -5.03 -3.51
C ALA A 46 2.43 -4.33 -2.20
N TYR A 47 1.75 -3.17 -2.26
CA TYR A 47 1.21 -2.48 -1.09
C TYR A 47 0.26 -3.36 -0.25
N HIS A 48 -0.68 -4.07 -0.88
CA HIS A 48 -1.60 -4.98 -0.19
C HIS A 48 -0.87 -6.17 0.49
N LEU A 49 0.09 -6.80 -0.21
CA LEU A 49 0.96 -7.86 0.31
C LEU A 49 1.83 -7.38 1.48
N ILE A 50 2.33 -6.14 1.41
CA ILE A 50 3.13 -5.51 2.48
C ILE A 50 2.25 -5.16 3.69
N ILE A 51 0.99 -4.76 3.50
CA ILE A 51 0.02 -4.61 4.61
C ILE A 51 -0.28 -5.97 5.26
N ASP A 52 -0.46 -7.05 4.49
CA ASP A 52 -0.62 -8.41 5.03
C ASP A 52 0.59 -8.84 5.87
N ASN A 53 1.81 -8.55 5.41
CA ASN A 53 3.04 -8.78 6.18
C ASN A 53 3.04 -7.93 7.47
N ARG A 54 2.88 -6.61 7.37
CA ARG A 54 2.82 -5.64 8.47
C ARG A 54 1.76 -5.97 9.54
N ARG A 55 0.63 -6.56 9.13
CA ARG A 55 -0.46 -7.01 10.00
C ARG A 55 -0.18 -8.39 10.61
N ILE A 56 0.06 -9.42 9.78
CA ILE A 56 0.15 -10.82 10.22
C ILE A 56 1.59 -11.25 10.49
N MET A 57 2.48 -11.16 9.49
CA MET A 57 3.84 -11.74 9.59
C MET A 57 4.69 -11.03 10.65
N ASN A 58 4.45 -9.73 10.85
CA ASN A 58 5.00 -8.91 11.92
C ASN A 58 4.69 -9.44 13.34
N GLN A 59 3.56 -10.13 13.52
CA GLN A 59 3.15 -10.75 14.79
C GLN A 59 3.48 -12.26 14.83
N ALA A 60 3.37 -12.97 13.71
CA ALA A 60 3.62 -14.41 13.61
C ALA A 60 5.13 -14.78 13.64
N SER A 61 5.99 -13.93 13.10
CA SER A 61 7.46 -14.13 13.11
C SER A 61 8.14 -13.51 14.36
N GLU A 62 9.33 -14.02 14.70
CA GLU A 62 10.15 -13.63 15.88
C GLU A 62 11.64 -13.97 15.69
N GLY A 1 -23.80 -7.29 8.96
CA GLY A 1 -22.84 -7.43 7.84
C GLY A 1 -21.39 -7.49 8.31
N PRO A 2 -20.40 -7.41 7.39
CA PRO A 2 -18.97 -7.43 7.70
C PRO A 2 -18.57 -6.37 8.73
N HIS A 3 -17.76 -6.76 9.72
CA HIS A 3 -17.33 -5.88 10.82
C HIS A 3 -16.12 -4.99 10.44
N MET A 4 -15.51 -5.23 9.27
CA MET A 4 -14.40 -4.46 8.70
C MET A 4 -14.33 -4.65 7.18
N SER A 5 -13.89 -3.61 6.47
CA SER A 5 -13.69 -3.51 5.01
C SER A 5 -13.09 -2.14 4.66
N TYR A 6 -12.36 -2.04 3.54
CA TYR A 6 -11.68 -0.82 3.10
C TYR A 6 -11.44 -0.77 1.57
N ASP A 7 -11.40 0.44 1.02
CA ASP A 7 -11.10 0.72 -0.40
C ASP A 7 -9.61 1.00 -0.61
N ALA A 8 -9.10 0.78 -1.83
CA ALA A 8 -7.71 1.06 -2.21
C ALA A 8 -7.25 2.50 -1.88
N ASN A 9 -8.16 3.48 -1.85
CA ASN A 9 -7.88 4.86 -1.45
C ASN A 9 -7.54 5.01 0.06
N VAL A 10 -7.84 4.01 0.91
CA VAL A 10 -7.41 3.95 2.31
C VAL A 10 -5.94 3.50 2.32
N ILE A 11 -5.06 4.30 2.93
CA ILE A 11 -3.60 4.12 2.84
C ILE A 11 -2.88 4.40 4.16
N ASP A 12 -1.66 3.88 4.31
CA ASP A 12 -0.77 4.12 5.45
C ASP A 12 0.60 4.63 4.95
N ASP A 13 1.07 5.76 5.49
CA ASP A 13 2.36 6.35 5.15
C ASP A 13 3.53 5.39 5.41
N GLU A 14 3.42 4.52 6.44
CA GLU A 14 4.41 3.48 6.70
C GLU A 14 4.36 2.37 5.66
N ALA A 15 3.17 1.95 5.22
CA ALA A 15 3.02 0.97 4.15
C ALA A 15 3.57 1.52 2.83
N VAL A 16 3.20 2.75 2.44
CA VAL A 16 3.72 3.38 1.20
C VAL A 16 5.25 3.52 1.25
N LYS A 17 5.83 3.90 2.40
CA LYS A 17 7.29 3.94 2.58
C LYS A 17 7.93 2.53 2.44
N GLU A 18 7.30 1.51 3.06
CA GLU A 18 7.76 0.12 2.95
C GLU A 18 7.64 -0.41 1.51
N VAL A 19 6.53 -0.14 0.79
CA VAL A 19 6.36 -0.46 -0.64
C VAL A 19 7.42 0.24 -1.49
N CYS A 20 7.72 1.52 -1.23
CA CYS A 20 8.75 2.27 -1.92
C CYS A 20 10.15 1.61 -1.78
N GLU A 21 10.49 1.17 -0.57
CA GLU A 21 11.74 0.46 -0.26
C GLU A 21 11.79 -0.94 -0.91
N LYS A 22 10.77 -1.78 -0.65
CA LYS A 22 10.72 -3.18 -1.12
C LYS A 22 10.62 -3.31 -2.66
N PHE A 23 9.76 -2.50 -3.28
CA PHE A 23 9.40 -2.59 -4.71
C PHE A 23 10.19 -1.61 -5.61
N GLU A 24 10.97 -0.69 -5.02
CA GLU A 24 11.91 0.21 -5.71
C GLU A 24 11.23 1.23 -6.66
N CYS A 25 9.96 1.57 -6.37
CA CYS A 25 9.14 2.54 -7.10
C CYS A 25 8.75 3.72 -6.18
N THR A 26 8.48 4.90 -6.73
CA THR A 26 8.21 6.12 -5.92
C THR A 26 6.90 6.03 -5.17
N GLU A 27 6.82 6.74 -4.04
CA GLU A 27 5.59 6.93 -3.27
C GLU A 27 4.47 7.48 -4.16
N SER A 28 4.79 8.43 -5.05
CA SER A 28 3.83 9.00 -6.01
C SER A 28 3.30 7.97 -7.03
N GLU A 29 4.11 6.99 -7.45
CA GLU A 29 3.66 5.92 -8.35
C GLU A 29 2.86 4.86 -7.58
N VAL A 30 3.29 4.52 -6.36
CA VAL A 30 2.57 3.60 -5.45
C VAL A 30 1.17 4.15 -5.10
N MET A 31 1.06 5.45 -4.82
CA MET A 31 -0.23 6.12 -4.62
C MET A 31 -1.08 6.14 -5.90
N ASN A 32 -0.50 6.32 -7.09
CA ASN A 32 -1.27 6.49 -8.34
C ASN A 32 -2.27 5.34 -8.58
N SER A 33 -1.84 4.08 -8.63
CA SER A 33 -2.74 2.94 -8.86
C SER A 33 -3.82 2.80 -7.78
N LEU A 34 -3.54 3.26 -6.55
CA LEU A 34 -4.44 3.21 -5.40
C LEU A 34 -5.42 4.40 -5.39
N TYR A 35 -5.07 5.52 -6.03
CA TYR A 35 -5.96 6.65 -6.28
C TYR A 35 -6.89 6.37 -7.47
N SER A 36 -6.35 5.72 -8.51
CA SER A 36 -7.15 5.18 -9.63
C SER A 36 -8.09 4.06 -9.13
N GLY A 37 -7.63 3.27 -8.17
CA GLY A 37 -8.43 2.29 -7.41
C GLY A 37 -8.39 0.88 -7.98
N ASP A 38 -7.32 0.52 -8.70
CA ASP A 38 -7.16 -0.80 -9.33
C ASP A 38 -6.26 -1.72 -8.48
N PRO A 39 -6.80 -2.79 -7.87
CA PRO A 39 -6.04 -3.72 -7.04
C PRO A 39 -5.17 -4.70 -7.84
N GLN A 40 -5.27 -4.71 -9.18
CA GLN A 40 -4.63 -5.71 -10.05
C GLN A 40 -3.22 -5.27 -10.49
N ASP A 41 -2.89 -3.97 -10.35
CA ASP A 41 -1.59 -3.41 -10.69
C ASP A 41 -0.49 -3.84 -9.70
N GLN A 42 0.73 -4.03 -10.20
CA GLN A 42 1.90 -4.47 -9.42
C GLN A 42 2.15 -3.65 -8.14
N LEU A 43 1.90 -2.33 -8.16
CA LEU A 43 2.12 -1.47 -7.00
C LEU A 43 0.98 -1.58 -5.98
N ALA A 44 -0.24 -1.85 -6.43
CA ALA A 44 -1.38 -2.18 -5.56
C ALA A 44 -1.24 -3.60 -4.98
N VAL A 45 -0.76 -4.56 -5.78
CA VAL A 45 -0.38 -5.91 -5.31
C VAL A 45 0.73 -5.80 -4.25
N ALA A 46 1.77 -5.00 -4.46
CA ALA A 46 2.80 -4.71 -3.46
C ALA A 46 2.20 -4.13 -2.16
N TYR A 47 1.36 -3.10 -2.26
CA TYR A 47 0.58 -2.55 -1.12
C TYR A 47 -0.21 -3.63 -0.36
N HIS A 48 -0.93 -4.51 -1.05
CA HIS A 48 -1.69 -5.59 -0.40
C HIS A 48 -0.77 -6.59 0.34
N LEU A 49 0.27 -7.09 -0.33
CA LEU A 49 1.26 -8.03 0.21
C LEU A 49 2.07 -7.43 1.38
N ILE A 50 2.34 -6.12 1.35
CA ILE A 50 3.11 -5.43 2.40
C ILE A 50 2.24 -5.04 3.60
N ILE A 51 0.96 -4.70 3.40
CA ILE A 51 0.00 -4.54 4.53
C ILE A 51 -0.25 -5.89 5.21
N ASP A 52 -0.37 -6.98 4.46
CA ASP A 52 -0.42 -8.35 4.99
C ASP A 52 0.84 -8.68 5.82
N ASN A 53 2.04 -8.39 5.30
CA ASN A 53 3.28 -8.56 6.05
C ASN A 53 3.29 -7.71 7.35
N ARG A 54 2.93 -6.42 7.25
CA ARG A 54 2.90 -5.44 8.35
C ARG A 54 1.92 -5.81 9.47
N ARG A 55 0.72 -6.28 9.12
CA ARG A 55 -0.40 -6.49 10.07
C ARG A 55 -0.56 -7.95 10.51
N ILE A 56 -0.31 -8.91 9.63
CA ILE A 56 -0.56 -10.36 9.82
C ILE A 56 0.74 -11.18 9.84
N MET A 57 1.84 -10.65 9.27
CA MET A 57 3.11 -11.37 9.07
C MET A 57 2.92 -12.59 8.15
N ASN A 58 1.90 -12.52 7.29
CA ASN A 58 1.37 -13.55 6.38
C ASN A 58 0.71 -14.76 7.08
N GLN A 59 1.16 -15.12 8.29
CA GLN A 59 0.62 -16.17 9.16
C GLN A 59 1.10 -15.97 10.61
N ALA A 60 0.22 -16.25 11.59
CA ALA A 60 0.49 -16.01 13.01
C ALA A 60 1.42 -17.05 13.68
N SER A 61 1.61 -18.22 13.04
CA SER A 61 2.45 -19.33 13.48
C SER A 61 2.71 -20.31 12.31
N GLU A 62 3.52 -21.34 12.52
CA GLU A 62 3.89 -22.37 11.52
C GLU A 62 2.73 -23.31 11.09
N GLY A 1 -27.72 10.26 6.53
CA GLY A 1 -27.71 10.22 5.05
C GLY A 1 -26.71 9.18 4.49
N PRO A 2 -26.38 9.25 3.19
CA PRO A 2 -25.44 8.35 2.52
C PRO A 2 -24.03 8.38 3.13
N HIS A 3 -23.27 7.29 2.92
CA HIS A 3 -21.88 7.17 3.37
C HIS A 3 -20.89 7.91 2.45
N MET A 4 -19.80 8.43 3.03
CA MET A 4 -18.72 9.10 2.29
C MET A 4 -17.72 8.09 1.67
N SER A 5 -16.98 8.52 0.65
CA SER A 5 -16.00 7.71 -0.09
C SER A 5 -14.65 7.53 0.65
N TYR A 6 -14.65 7.56 1.99
CA TYR A 6 -13.45 7.40 2.81
C TYR A 6 -12.71 6.08 2.52
N ASP A 7 -13.45 5.01 2.21
CA ASP A 7 -12.93 3.69 1.84
C ASP A 7 -12.06 3.71 0.57
N ALA A 8 -12.28 4.68 -0.33
CA ALA A 8 -11.45 4.93 -1.51
C ALA A 8 -10.29 5.90 -1.21
N ASN A 9 -10.52 6.88 -0.34
CA ASN A 9 -9.54 7.93 0.01
C ASN A 9 -8.47 7.48 1.03
N VAL A 10 -8.81 6.57 1.94
CA VAL A 10 -7.90 6.09 3.02
C VAL A 10 -6.71 5.28 2.46
N ILE A 11 -5.53 5.50 3.06
CA ILE A 11 -4.27 4.82 2.72
C ILE A 11 -3.42 4.62 3.98
N ASP A 12 -2.59 3.57 3.98
CA ASP A 12 -1.59 3.33 5.01
C ASP A 12 -0.24 3.94 4.59
N ASP A 13 0.10 5.10 5.16
CA ASP A 13 1.30 5.87 4.81
C ASP A 13 2.60 5.12 5.16
N GLU A 14 2.59 4.29 6.21
CA GLU A 14 3.70 3.40 6.54
C GLU A 14 3.87 2.31 5.46
N ALA A 15 2.77 1.73 4.97
CA ALA A 15 2.80 0.75 3.88
C ALA A 15 3.32 1.40 2.59
N VAL A 16 2.74 2.54 2.19
CA VAL A 16 3.17 3.34 1.01
C VAL A 16 4.68 3.61 1.05
N LYS A 17 5.19 4.15 2.18
CA LYS A 17 6.63 4.35 2.41
C LYS A 17 7.43 3.03 2.32
N GLU A 18 6.94 1.93 2.92
CA GLU A 18 7.61 0.62 2.84
C GLU A 18 7.65 0.07 1.41
N VAL A 19 6.61 0.23 0.57
CA VAL A 19 6.65 -0.22 -0.84
C VAL A 19 7.83 0.43 -1.61
N CYS A 20 8.22 1.66 -1.26
CA CYS A 20 9.37 2.35 -1.84
C CYS A 20 10.73 1.67 -1.52
N GLU A 21 10.84 0.99 -0.39
CA GLU A 21 12.02 0.24 0.02
C GLU A 21 11.95 -1.24 -0.41
N LYS A 22 10.84 -1.92 -0.11
CA LYS A 22 10.64 -3.35 -0.31
C LYS A 22 10.51 -3.72 -1.81
N PHE A 23 9.66 -2.99 -2.55
CA PHE A 23 9.35 -3.25 -3.96
C PHE A 23 10.19 -2.42 -4.96
N GLU A 24 10.89 -1.38 -4.49
CA GLU A 24 11.85 -0.55 -5.25
C GLU A 24 11.22 0.30 -6.37
N CYS A 25 9.90 0.52 -6.27
CA CYS A 25 9.12 1.46 -7.09
C CYS A 25 8.68 2.64 -6.21
N THR A 26 8.62 3.87 -6.75
CA THR A 26 8.45 5.08 -5.91
C THR A 26 7.08 5.15 -5.24
N GLU A 27 7.05 5.73 -4.04
CA GLU A 27 5.82 5.96 -3.28
C GLU A 27 4.77 6.72 -4.12
N SER A 28 5.20 7.66 -4.96
CA SER A 28 4.36 8.41 -5.90
C SER A 28 3.73 7.54 -6.99
N GLU A 29 4.46 6.54 -7.50
CA GLU A 29 3.90 5.55 -8.45
C GLU A 29 2.94 4.58 -7.72
N VAL A 30 3.29 4.17 -6.50
CA VAL A 30 2.46 3.30 -5.66
C VAL A 30 1.12 3.97 -5.30
N MET A 31 1.15 5.23 -4.89
CA MET A 31 -0.07 6.02 -4.62
C MET A 31 -0.91 6.23 -5.88
N ASN A 32 -0.33 6.39 -7.07
CA ASN A 32 -1.09 6.67 -8.29
C ASN A 32 -2.18 5.61 -8.56
N SER A 33 -1.85 4.32 -8.58
CA SER A 33 -2.83 3.23 -8.79
C SER A 33 -3.90 3.19 -7.69
N LEU A 34 -3.54 3.59 -6.46
CA LEU A 34 -4.42 3.61 -5.30
C LEU A 34 -5.31 4.87 -5.26
N TYR A 35 -4.91 5.95 -5.95
CA TYR A 35 -5.72 7.16 -6.18
C TYR A 35 -6.64 6.98 -7.40
N SER A 36 -6.17 6.23 -8.40
CA SER A 36 -6.97 5.76 -9.54
C SER A 36 -8.03 4.72 -9.11
N GLY A 37 -7.70 3.92 -8.08
CA GLY A 37 -8.62 3.02 -7.38
C GLY A 37 -8.62 1.58 -7.91
N ASP A 38 -7.53 1.14 -8.55
CA ASP A 38 -7.41 -0.21 -9.11
C ASP A 38 -6.52 -1.11 -8.22
N PRO A 39 -7.08 -2.13 -7.53
CA PRO A 39 -6.34 -3.05 -6.68
C PRO A 39 -5.58 -4.13 -7.47
N GLN A 40 -5.78 -4.23 -8.79
CA GLN A 40 -5.22 -5.31 -9.62
C GLN A 40 -3.82 -4.97 -10.16
N ASP A 41 -3.43 -3.70 -10.10
CA ASP A 41 -2.12 -3.20 -10.53
C ASP A 41 -0.99 -3.73 -9.63
N GLN A 42 0.18 -4.02 -10.22
CA GLN A 42 1.33 -4.60 -9.52
C GLN A 42 1.77 -3.79 -8.28
N LEU A 43 1.68 -2.45 -8.31
CA LEU A 43 2.05 -1.61 -7.16
C LEU A 43 0.96 -1.56 -6.09
N ALA A 44 -0.32 -1.65 -6.48
CA ALA A 44 -1.43 -1.82 -5.54
C ALA A 44 -1.40 -3.22 -4.89
N VAL A 45 -1.04 -4.25 -5.66
CA VAL A 45 -0.75 -5.61 -5.16
C VAL A 45 0.44 -5.58 -4.19
N ALA A 46 1.57 -4.95 -4.53
CA ALA A 46 2.70 -4.75 -3.61
C ALA A 46 2.27 -4.09 -2.30
N TYR A 47 1.53 -2.98 -2.36
CA TYR A 47 0.93 -2.31 -1.20
C TYR A 47 0.04 -3.26 -0.36
N HIS A 48 -0.86 -4.04 -0.98
CA HIS A 48 -1.69 -5.01 -0.26
C HIS A 48 -0.85 -6.10 0.44
N LEU A 49 0.11 -6.70 -0.26
CA LEU A 49 1.04 -7.71 0.26
C LEU A 49 1.87 -7.16 1.42
N ILE A 50 2.32 -5.91 1.31
CA ILE A 50 3.09 -5.21 2.37
C ILE A 50 2.21 -4.90 3.59
N ILE A 51 0.92 -4.60 3.42
CA ILE A 51 -0.04 -4.49 4.54
C ILE A 51 -0.23 -5.86 5.22
N ASP A 52 -0.39 -6.94 4.46
CA ASP A 52 -0.48 -8.30 5.02
C ASP A 52 0.78 -8.66 5.81
N ASN A 53 1.97 -8.40 5.28
CA ASN A 53 3.24 -8.57 5.99
C ASN A 53 3.32 -7.68 7.24
N ARG A 54 2.90 -6.42 7.17
CA ARG A 54 2.87 -5.49 8.31
C ARG A 54 1.96 -5.96 9.44
N ARG A 55 0.80 -6.57 9.11
CA ARG A 55 -0.13 -7.18 10.09
C ARG A 55 0.36 -8.53 10.63
N ILE A 56 0.81 -9.45 9.75
CA ILE A 56 1.13 -10.85 10.11
C ILE A 56 2.58 -10.99 10.62
N MET A 57 3.55 -10.69 9.75
CA MET A 57 5.01 -10.73 9.97
C MET A 57 5.77 -10.29 8.72
N ASN A 58 6.87 -9.54 8.88
CA ASN A 58 7.56 -8.87 7.75
C ASN A 58 8.43 -9.81 6.88
N GLN A 59 8.63 -11.07 7.31
CA GLN A 59 9.50 -12.07 6.66
C GLN A 59 9.09 -13.49 7.11
N ALA A 60 9.39 -14.50 6.29
CA ALA A 60 8.96 -15.89 6.52
C ALA A 60 9.73 -16.62 7.64
N SER A 61 10.96 -16.16 7.94
CA SER A 61 11.85 -16.69 8.98
C SER A 61 12.99 -15.68 9.25
N GLU A 62 13.75 -15.88 10.34
CA GLU A 62 14.87 -15.01 10.77
C GLU A 62 16.10 -15.11 9.86
N GLY A 1 -26.33 5.40 9.60
CA GLY A 1 -24.86 5.22 9.51
C GLY A 1 -24.41 4.82 8.10
N PRO A 2 -23.08 4.88 7.81
CA PRO A 2 -22.51 4.57 6.50
C PRO A 2 -22.71 3.09 6.14
N HIS A 3 -23.17 2.82 4.92
CA HIS A 3 -23.47 1.47 4.45
C HIS A 3 -22.24 0.75 3.83
N MET A 4 -21.20 1.51 3.45
CA MET A 4 -19.95 1.00 2.86
C MET A 4 -18.96 0.49 3.92
N SER A 5 -18.20 -0.55 3.57
CA SER A 5 -17.18 -1.17 4.44
C SER A 5 -15.73 -0.97 3.93
N TYR A 6 -15.53 -0.13 2.90
CA TYR A 6 -14.25 0.06 2.20
C TYR A 6 -14.14 1.47 1.55
N ASP A 7 -12.90 1.94 1.38
CA ASP A 7 -12.51 3.13 0.63
C ASP A 7 -11.10 2.97 0.03
N ALA A 8 -10.90 3.42 -1.21
CA ALA A 8 -9.64 3.30 -1.94
C ALA A 8 -8.63 4.44 -1.66
N ASN A 9 -9.10 5.61 -1.19
CA ASN A 9 -8.25 6.78 -0.95
C ASN A 9 -7.50 6.73 0.39
N VAL A 10 -8.11 6.17 1.45
CA VAL A 10 -7.40 5.89 2.71
C VAL A 10 -6.23 4.91 2.48
N ILE A 11 -5.10 5.16 3.16
CA ILE A 11 -3.82 4.48 2.93
C ILE A 11 -3.01 4.34 4.26
N ASP A 12 -1.85 3.69 4.20
CA ASP A 12 -0.87 3.67 5.31
C ASP A 12 0.45 4.25 4.80
N ASP A 13 0.86 5.40 5.34
CA ASP A 13 2.11 6.04 4.95
C ASP A 13 3.33 5.14 5.24
N GLU A 14 3.26 4.27 6.25
CA GLU A 14 4.33 3.34 6.56
C GLU A 14 4.40 2.17 5.57
N ALA A 15 3.26 1.67 5.08
CA ALA A 15 3.25 0.72 3.97
C ALA A 15 3.76 1.39 2.69
N VAL A 16 3.32 2.60 2.35
CA VAL A 16 3.82 3.34 1.17
C VAL A 16 5.34 3.54 1.23
N LYS A 17 5.89 3.92 2.40
CA LYS A 17 7.34 4.03 2.64
C LYS A 17 8.06 2.67 2.51
N GLU A 18 7.47 1.58 3.01
CA GLU A 18 8.02 0.23 2.83
C GLU A 18 7.92 -0.24 1.37
N VAL A 19 6.83 0.02 0.64
CA VAL A 19 6.71 -0.29 -0.80
C VAL A 19 7.80 0.41 -1.62
N CYS A 20 8.12 1.68 -1.29
CA CYS A 20 9.23 2.41 -1.91
C CYS A 20 10.59 1.70 -1.75
N GLU A 21 10.81 1.00 -0.62
CA GLU A 21 12.05 0.24 -0.35
C GLU A 21 12.00 -1.19 -0.94
N LYS A 22 10.98 -1.98 -0.58
CA LYS A 22 10.80 -3.39 -0.98
C LYS A 22 10.65 -3.54 -2.51
N PHE A 23 9.83 -2.68 -3.11
CA PHE A 23 9.44 -2.73 -4.52
C PHE A 23 10.24 -1.81 -5.45
N GLU A 24 11.06 -0.91 -4.88
CA GLU A 24 12.05 -0.07 -5.58
C GLU A 24 11.42 0.99 -6.52
N CYS A 25 10.19 1.40 -6.22
CA CYS A 25 9.44 2.47 -6.91
C CYS A 25 9.44 3.78 -6.07
N THR A 26 8.84 4.85 -6.61
CA THR A 26 8.56 6.09 -5.86
C THR A 26 7.27 5.93 -5.06
N GLU A 27 7.09 6.76 -4.02
CA GLU A 27 5.89 6.73 -3.17
C GLU A 27 4.64 7.08 -3.98
N SER A 28 4.71 8.12 -4.83
CA SER A 28 3.58 8.59 -5.64
C SER A 28 3.09 7.54 -6.65
N GLU A 29 3.94 6.61 -7.10
CA GLU A 29 3.53 5.46 -7.92
C GLU A 29 2.63 4.48 -7.14
N VAL A 30 2.86 4.33 -5.82
CA VAL A 30 2.03 3.46 -4.96
C VAL A 30 0.63 4.07 -4.81
N MET A 31 0.57 5.39 -4.56
CA MET A 31 -0.69 6.14 -4.52
C MET A 31 -1.43 6.11 -5.86
N ASN A 32 -0.74 6.29 -6.99
CA ASN A 32 -1.33 6.31 -8.33
C ASN A 32 -2.22 5.08 -8.58
N SER A 33 -1.68 3.86 -8.48
CA SER A 33 -2.45 2.64 -8.78
C SER A 33 -3.60 2.36 -7.79
N LEU A 34 -3.59 2.98 -6.61
CA LEU A 34 -4.69 2.90 -5.64
C LEU A 34 -5.76 3.98 -5.90
N TYR A 35 -5.40 5.13 -6.47
CA TYR A 35 -6.29 6.30 -6.59
C TYR A 35 -6.85 6.51 -8.02
N SER A 36 -6.04 6.27 -9.05
CA SER A 36 -6.38 6.55 -10.46
C SER A 36 -6.13 5.37 -11.42
N GLY A 37 -5.35 4.36 -11.00
CA GLY A 37 -5.19 3.08 -11.71
C GLY A 37 -6.26 2.07 -11.27
N ASP A 38 -5.84 0.84 -10.96
CA ASP A 38 -6.70 -0.22 -10.44
C ASP A 38 -5.96 -1.06 -9.37
N PRO A 39 -6.62 -1.49 -8.27
CA PRO A 39 -6.02 -2.29 -7.19
C PRO A 39 -5.33 -3.60 -7.60
N GLN A 40 -5.57 -4.10 -8.82
CA GLN A 40 -4.95 -5.33 -9.35
C GLN A 40 -3.57 -5.08 -10.00
N ASP A 41 -3.15 -3.82 -10.16
CA ASP A 41 -1.84 -3.42 -10.65
C ASP A 41 -0.71 -3.76 -9.65
N GLN A 42 0.50 -4.00 -10.18
CA GLN A 42 1.68 -4.41 -9.41
C GLN A 42 1.99 -3.50 -8.21
N LEU A 43 1.84 -2.17 -8.35
CA LEU A 43 2.11 -1.20 -7.27
C LEU A 43 1.07 -1.27 -6.15
N ALA A 44 -0.20 -1.52 -6.49
CA ALA A 44 -1.26 -1.74 -5.52
C ALA A 44 -1.19 -3.14 -4.88
N VAL A 45 -0.82 -4.16 -5.66
CA VAL A 45 -0.56 -5.52 -5.16
C VAL A 45 0.64 -5.52 -4.18
N ALA A 46 1.72 -4.77 -4.46
CA ALA A 46 2.82 -4.54 -3.52
C ALA A 46 2.34 -3.93 -2.20
N TYR A 47 1.56 -2.84 -2.26
CA TYR A 47 0.91 -2.24 -1.08
C TYR A 47 0.06 -3.27 -0.30
N HIS A 48 -0.79 -4.04 -0.96
CA HIS A 48 -1.62 -5.06 -0.30
C HIS A 48 -0.75 -6.14 0.41
N LEU A 49 0.25 -6.69 -0.27
CA LEU A 49 1.18 -7.69 0.27
C LEU A 49 2.02 -7.15 1.44
N ILE A 50 2.38 -5.87 1.41
CA ILE A 50 3.14 -5.20 2.49
C ILE A 50 2.24 -4.85 3.68
N ILE A 51 0.99 -4.48 3.45
CA ILE A 51 -0.02 -4.34 4.52
C ILE A 51 -0.23 -5.70 5.21
N ASP A 52 -0.38 -6.78 4.44
CA ASP A 52 -0.50 -8.15 4.96
C ASP A 52 0.77 -8.56 5.72
N ASN A 53 1.97 -8.29 5.19
CA ASN A 53 3.24 -8.56 5.87
C ASN A 53 3.26 -7.87 7.25
N ARG A 54 3.04 -6.56 7.30
CA ARG A 54 3.08 -5.74 8.52
C ARG A 54 2.02 -6.17 9.55
N ARG A 55 0.75 -6.24 9.13
CA ARG A 55 -0.40 -6.42 10.03
C ARG A 55 -0.70 -7.89 10.37
N ILE A 56 -0.50 -8.82 9.43
CA ILE A 56 -0.86 -10.26 9.57
C ILE A 56 0.37 -11.17 9.79
N MET A 57 1.53 -10.81 9.20
CA MET A 57 2.83 -11.53 9.08
C MET A 57 3.10 -11.88 7.62
N ASN A 58 2.05 -12.29 6.90
CA ASN A 58 2.02 -12.61 5.46
C ASN A 58 0.57 -12.76 4.97
N GLN A 59 0.32 -12.72 3.64
CA GLN A 59 -1.02 -12.88 3.07
C GLN A 59 -1.56 -14.32 3.22
N ALA A 60 -0.69 -15.33 3.30
CA ALA A 60 -1.05 -16.75 3.45
C ALA A 60 -0.05 -17.53 4.33
N SER A 61 -0.43 -18.73 4.77
CA SER A 61 0.44 -19.65 5.52
C SER A 61 1.38 -20.48 4.60
N GLU A 62 2.45 -21.05 5.19
CA GLU A 62 3.42 -21.93 4.50
C GLU A 62 2.89 -23.36 4.28
#